data_6E8Z
#
_entry.id   6E8Z
#
_cell.length_a   63.580
_cell.length_b   78.780
_cell.length_c   69.179
_cell.angle_alpha   90.00
_cell.angle_beta   104.32
_cell.angle_gamma   90.00
#
_symmetry.space_group_name_H-M   'P 1 21 1'
#
loop_
_entity.id
_entity.type
_entity.pdbx_description
1 polymer 'Glycerol-3-phosphate dehydrogenase [NAD(+)], cytoplasmic'
2 non-polymer NICOTINAMIDE-ADENINE-DINUCLEOTIDE
3 non-polymer 'PHOSPHATE ION'
4 non-polymer 1,2-ETHANEDIOL
5 non-polymer 'POTASSIUM ION'
6 water water
#
_entity_poly.entity_id   1
_entity_poly.type   'polypeptide(L)'
_entity_poly.pdbx_seq_one_letter_code
;MASKKVCIVGSGNWGSAIAKIVGGNAAQLAQFDPRVTMWVFEEDIGGKKLTEIINTQHENVKYLPGHKLPPNVVAVPDVV
QAAEDADILIFVVPHQFIGKICDQLKGHLKANATGISLIKGVDEGPNGLKLISEVIGERLGIPMSVLMGANIASEVADEK
FCETTIGCKDPAQGQLLKELMQTPNFRITVVQEVDTVEICGALKNVVAVGAGFCDGLGFGDNTKAAVIRLGLMEMIAFAK
LFCSGPVSSATFLESCGVADLITTCYGGRNRKVAEAFARTGKSIEQLEKELLNGQKLQGPETARELYSILQHKGLVDKFP
LFMAVYKVCYEGQPVGEFIHCLQNHPEHM
;
_entity_poly.pdbx_strand_id   A,B
#
loop_
_chem_comp.id
_chem_comp.type
_chem_comp.name
_chem_comp.formula
EDO non-polymer 1,2-ETHANEDIOL 'C2 H6 O2'
K non-polymer 'POTASSIUM ION' 'K 1'
NAD non-polymer NICOTINAMIDE-ADENINE-DINUCLEOTIDE 'C21 H27 N7 O14 P2'
PO4 non-polymer 'PHOSPHATE ION' 'O4 P -3'
#
# COMPACT_ATOMS: atom_id res chain seq x y z
N ALA A 2 6.92 -31.35 28.82
CA ALA A 2 6.97 -31.50 27.37
C ALA A 2 5.88 -30.66 26.68
N SER A 3 4.62 -30.92 27.05
CA SER A 3 3.48 -30.21 26.46
C SER A 3 3.44 -28.75 26.94
N LYS A 4 3.40 -27.81 25.99
CA LYS A 4 3.59 -26.39 26.30
C LYS A 4 2.29 -25.76 26.79
N LYS A 5 2.38 -25.01 27.88
CA LYS A 5 1.22 -24.38 28.48
C LYS A 5 1.16 -22.90 28.14
N VAL A 6 -0.05 -22.40 27.95
CA VAL A 6 -0.26 -21.05 27.50
C VAL A 6 -1.05 -20.30 28.54
N CYS A 7 -0.66 -19.07 28.72
CA CYS A 7 -1.39 -18.13 29.56
C CYS A 7 -1.63 -16.87 28.74
N ILE A 8 -2.86 -16.44 28.63
CA ILE A 8 -3.23 -15.22 27.95
C ILE A 8 -3.37 -14.15 29.02
N VAL A 9 -2.45 -13.21 29.02
CA VAL A 9 -2.43 -12.08 29.95
C VAL A 9 -3.31 -10.99 29.36
N GLY A 10 -4.58 -10.99 29.71
CA GLY A 10 -5.53 -9.99 29.25
C GLY A 10 -6.79 -10.69 28.79
N SER A 11 -7.91 -9.99 28.91
CA SER A 11 -9.20 -10.63 28.66
C SER A 11 -10.19 -9.67 28.04
N GLY A 12 -9.71 -8.70 27.30
CA GLY A 12 -10.55 -7.69 26.71
C GLY A 12 -11.06 -8.11 25.36
N ASN A 13 -11.28 -7.11 24.50
CA ASN A 13 -11.80 -7.38 23.17
C ASN A 13 -10.84 -8.27 22.38
N TRP A 14 -9.55 -7.92 22.35
CA TRP A 14 -8.58 -8.67 21.57
C TRP A 14 -8.19 -9.94 22.30
N GLY A 15 -8.00 -9.86 23.60
CA GLY A 15 -7.65 -11.06 24.36
C GLY A 15 -8.72 -12.12 24.27
N SER A 16 -9.99 -11.72 24.33
CA SER A 16 -11.06 -12.71 24.25
C SER A 16 -11.11 -13.34 22.87
N ALA A 17 -11.01 -12.54 21.81
CA ALA A 17 -10.94 -13.10 20.46
C ALA A 17 -9.72 -14.00 20.31
N ILE A 18 -8.58 -13.59 20.89
CA ILE A 18 -7.40 -14.44 20.77
C ILE A 18 -7.61 -15.72 21.57
N ALA A 19 -8.39 -15.65 22.64
CA ALA A 19 -8.72 -16.86 23.40
C ALA A 19 -9.45 -17.87 22.51
N LYS A 20 -10.43 -17.39 21.74
CA LYS A 20 -11.15 -18.29 20.82
C LYS A 20 -10.16 -19.05 19.94
N ILE A 21 -9.21 -18.34 19.33
CA ILE A 21 -8.27 -19.03 18.46
C ILE A 21 -7.35 -19.92 19.27
N VAL A 22 -6.74 -19.35 20.31
CA VAL A 22 -5.78 -20.11 21.10
C VAL A 22 -6.48 -21.27 21.81
N GLY A 23 -7.68 -21.05 22.34
CA GLY A 23 -8.37 -22.15 23.01
C GLY A 23 -8.67 -23.27 22.03
N GLY A 24 -9.30 -22.92 20.90
CA GLY A 24 -9.51 -23.89 19.84
C GLY A 24 -8.25 -24.66 19.52
N ASN A 25 -7.17 -23.95 19.20
CA ASN A 25 -5.92 -24.59 18.73
C ASN A 25 -5.22 -25.34 19.86
N ALA A 26 -5.12 -24.78 21.05
CA ALA A 26 -4.51 -25.55 22.14
C ALA A 26 -5.26 -26.86 22.37
N ALA A 27 -6.60 -26.84 22.35
CA ALA A 27 -7.33 -28.11 22.52
C ALA A 27 -6.97 -29.10 21.43
N GLN A 28 -6.86 -28.63 20.17
CA GLN A 28 -6.78 -29.51 19.00
C GLN A 28 -5.38 -30.11 18.81
N LEU A 29 -4.34 -29.34 19.03
CA LEU A 29 -2.99 -29.71 18.62
C LEU A 29 -2.30 -30.38 19.77
N ALA A 30 -1.52 -31.42 19.46
CA ALA A 30 -1.02 -32.28 20.52
C ALA A 30 0.05 -31.58 21.33
N GLN A 31 0.72 -30.59 20.75
CA GLN A 31 1.93 -30.08 21.40
C GLN A 31 1.62 -28.97 22.41
N PHE A 32 0.35 -28.62 22.56
CA PHE A 32 -0.07 -27.63 23.54
C PHE A 32 -0.98 -28.27 24.58
N ASP A 33 -0.90 -27.79 25.82
CA ASP A 33 -1.78 -28.27 26.90
C ASP A 33 -3.13 -27.63 26.67
N PRO A 34 -4.22 -28.39 26.57
CA PRO A 34 -5.55 -27.80 26.36
C PRO A 34 -5.93 -26.83 27.42
N ARG A 35 -5.31 -26.91 28.60
CA ARG A 35 -5.72 -26.02 29.67
C ARG A 35 -5.03 -24.68 29.41
N VAL A 36 -5.84 -23.68 29.08
CA VAL A 36 -5.36 -22.37 28.72
C VAL A 36 -5.88 -21.45 29.81
N THR A 37 -4.97 -20.88 30.58
CA THR A 37 -5.40 -19.90 31.57
C THR A 37 -5.52 -18.54 30.91
N MET A 38 -6.43 -17.72 31.45
CA MET A 38 -6.60 -16.37 30.96
C MET A 38 -6.79 -15.44 32.14
N TRP A 39 -5.81 -14.58 32.38
CA TRP A 39 -5.91 -13.61 33.44
C TRP A 39 -7.02 -12.62 33.14
N VAL A 40 -7.98 -12.54 34.07
CA VAL A 40 -9.17 -11.69 33.98
C VAL A 40 -9.17 -10.77 35.18
N PHE A 41 -8.97 -9.48 34.95
CA PHE A 41 -9.17 -8.49 36.01
C PHE A 41 -10.62 -8.55 36.49
N GLU A 42 -10.81 -8.75 37.79
CA GLU A 42 -12.15 -9.04 38.32
C GLU A 42 -13.06 -7.83 38.21
N GLU A 43 -14.32 -8.08 37.88
CA GLU A 43 -15.37 -7.04 37.73
C GLU A 43 -16.69 -7.61 38.24
N ASP A 44 -17.63 -6.77 38.60
CA ASP A 44 -18.98 -7.18 39.03
C ASP A 44 -19.95 -6.95 37.86
N ILE A 45 -20.10 -7.97 37.04
CA ILE A 45 -21.04 -7.90 35.93
C ILE A 45 -22.40 -8.39 36.39
N LYS A 48 -22.77 -10.41 39.17
CA LYS A 48 -21.96 -11.59 39.49
C LYS A 48 -20.47 -11.27 39.34
N LYS A 49 -19.62 -12.25 39.61
CA LYS A 49 -18.18 -12.12 39.41
C LYS A 49 -17.83 -12.40 37.95
N LEU A 50 -17.17 -11.44 37.30
CA LEU A 50 -16.84 -11.61 35.89
C LEU A 50 -16.15 -12.95 35.63
N THR A 51 -15.13 -13.28 36.43
CA THR A 51 -14.45 -14.56 36.28
C THR A 51 -15.44 -15.71 36.37
N GLU A 52 -16.39 -15.61 37.31
CA GLU A 52 -17.47 -16.59 37.45
C GLU A 52 -18.29 -16.67 36.18
N ILE A 53 -18.79 -15.52 35.71
CA ILE A 53 -19.58 -15.53 34.47
C ILE A 53 -18.83 -16.29 33.39
N ILE A 54 -17.59 -15.91 33.14
CA ILE A 54 -16.82 -16.55 32.07
C ILE A 54 -16.79 -18.05 32.30
N ASN A 55 -16.30 -18.47 33.48
CA ASN A 55 -16.07 -19.90 33.72
C ASN A 55 -17.36 -20.70 33.72
N THR A 56 -18.48 -20.09 34.11
CA THR A 56 -19.76 -20.81 34.08
C THR A 56 -20.41 -20.75 32.71
N GLN A 57 -20.63 -19.54 32.19
CA GLN A 57 -21.26 -19.33 30.90
C GLN A 57 -20.35 -19.29 29.65
N HIS A 58 -19.02 -19.26 29.82
CA HIS A 58 -18.04 -19.27 28.70
C HIS A 58 -18.34 -18.22 27.63
N GLU A 59 -18.58 -16.99 28.10
CA GLU A 59 -18.79 -15.85 27.22
C GLU A 59 -18.28 -14.64 27.98
N ASN A 60 -17.43 -13.84 27.34
CA ASN A 60 -17.01 -12.60 27.95
C ASN A 60 -17.99 -11.54 27.50
N VAL A 61 -19.18 -11.61 28.05
CA VAL A 61 -20.25 -10.76 27.66
C VAL A 61 -19.88 -9.30 27.54
N LYS A 62 -18.99 -8.82 28.36
CA LYS A 62 -18.69 -7.39 28.29
C LYS A 62 -17.72 -7.03 27.17
N TYR A 63 -16.79 -7.92 26.80
CA TYR A 63 -15.69 -7.53 25.92
C TYR A 63 -15.75 -8.13 24.52
N LEU A 64 -16.14 -9.40 24.40
CA LEU A 64 -16.39 -10.06 23.13
C LEU A 64 -17.86 -10.43 23.04
N PRO A 65 -18.73 -9.44 22.87
CA PRO A 65 -20.16 -9.71 22.99
C PRO A 65 -20.70 -10.50 21.82
N GLY A 66 -21.63 -11.39 22.11
CA GLY A 66 -22.18 -12.25 21.08
C GLY A 66 -21.29 -13.37 20.65
N HIS A 67 -20.41 -13.86 21.53
CA HIS A 67 -19.53 -14.96 21.18
C HIS A 67 -19.36 -15.89 22.38
N LYS A 68 -19.18 -17.16 22.07
CA LYS A 68 -18.83 -18.14 23.08
C LYS A 68 -17.33 -18.32 23.04
N LEU A 69 -16.71 -18.35 24.21
CA LEU A 69 -15.31 -18.73 24.34
C LEU A 69 -15.20 -20.25 24.51
N PRO A 70 -14.10 -20.87 24.10
CA PRO A 70 -13.96 -22.31 24.32
C PRO A 70 -14.00 -22.65 25.80
N PRO A 71 -14.44 -23.85 26.16
CA PRO A 71 -14.59 -24.19 27.58
C PRO A 71 -13.28 -24.54 28.27
N ASN A 72 -12.24 -24.96 27.52
CA ASN A 72 -10.89 -25.21 28.05
C ASN A 72 -10.09 -23.93 28.32
N VAL A 73 -10.70 -22.75 28.25
CA VAL A 73 -10.04 -21.51 28.62
C VAL A 73 -10.58 -21.07 29.98
N VAL A 74 -9.68 -20.91 30.95
CA VAL A 74 -10.04 -20.77 32.35
C VAL A 74 -9.74 -19.32 32.78
N ALA A 75 -10.78 -18.55 33.07
CA ALA A 75 -10.58 -17.26 33.70
C ALA A 75 -9.91 -17.45 35.06
N VAL A 76 -8.93 -16.60 35.35
CA VAL A 76 -8.18 -16.63 36.61
C VAL A 76 -8.00 -15.18 37.05
N PRO A 77 -8.42 -14.82 38.26
CA PRO A 77 -8.43 -13.39 38.63
C PRO A 77 -7.11 -12.86 39.09
N ASP A 78 -6.17 -13.71 39.49
CA ASP A 78 -4.85 -13.30 39.95
C ASP A 78 -3.78 -13.66 38.91
N VAL A 79 -2.98 -12.66 38.53
CA VAL A 79 -2.14 -12.82 37.36
C VAL A 79 -0.96 -13.76 37.63
N VAL A 80 -0.40 -13.75 38.85
CA VAL A 80 0.69 -14.68 39.14
C VAL A 80 0.22 -16.13 39.00
N GLN A 81 -0.94 -16.45 39.59
CA GLN A 81 -1.49 -17.81 39.45
C GLN A 81 -1.76 -18.16 37.98
N ALA A 82 -2.33 -17.24 37.21
CA ALA A 82 -2.60 -17.53 35.79
C ALA A 82 -1.32 -17.94 35.06
N ALA A 83 -0.24 -17.21 35.32
CA ALA A 83 0.99 -17.29 34.51
C ALA A 83 2.04 -18.26 35.01
N GLU A 84 2.03 -18.61 36.28
CA GLU A 84 3.27 -19.09 36.89
C GLU A 84 3.68 -20.45 36.35
N ASP A 85 2.72 -21.26 35.88
CA ASP A 85 3.05 -22.52 35.22
C ASP A 85 3.19 -22.40 33.70
N ALA A 86 3.10 -21.21 33.12
CA ALA A 86 3.03 -21.06 31.66
C ALA A 86 4.40 -21.03 31.01
N ASP A 87 4.50 -21.74 29.88
CA ASP A 87 5.66 -21.66 29.00
C ASP A 87 5.54 -20.54 27.99
N ILE A 88 4.32 -20.16 27.64
CA ILE A 88 4.08 -19.13 26.63
C ILE A 88 3.09 -18.17 27.21
N LEU A 89 3.47 -16.90 27.28
CA LEU A 89 2.63 -15.81 27.79
C LEU A 89 2.24 -14.86 26.67
N ILE A 90 0.94 -14.64 26.52
CA ILE A 90 0.40 -13.77 25.49
C ILE A 90 -0.03 -12.50 26.17
N PHE A 91 0.72 -11.44 25.94
CA PHE A 91 0.46 -10.11 26.53
C PHE A 91 -0.52 -9.35 25.65
N VAL A 92 -1.73 -9.11 26.13
CA VAL A 92 -2.78 -8.45 25.32
C VAL A 92 -3.65 -7.56 26.21
N VAL A 93 -3.10 -6.46 26.70
CA VAL A 93 -3.84 -5.50 27.50
C VAL A 93 -3.58 -4.12 26.94
N PRO A 94 -4.43 -3.15 27.27
CA PRO A 94 -4.15 -1.78 26.86
C PRO A 94 -2.80 -1.35 27.42
N HIS A 95 -2.10 -0.57 26.67
CA HIS A 95 -0.84 -0.05 27.07
C HIS A 95 -0.78 0.41 28.54
N GLN A 96 -1.76 1.15 29.02
CA GLN A 96 -1.60 1.79 30.32
C GLN A 96 -1.47 0.77 31.46
N PHE A 97 -1.79 -0.50 31.24
CA PHE A 97 -1.80 -1.48 32.31
C PHE A 97 -0.58 -2.41 32.33
N ILE A 98 0.21 -2.46 31.25
CA ILE A 98 1.23 -3.52 31.15
C ILE A 98 2.32 -3.32 32.19
N GLY A 99 2.59 -2.08 32.57
CA GLY A 99 3.61 -1.83 33.58
C GLY A 99 3.33 -2.51 34.90
N LYS A 100 2.15 -2.23 35.48
CA LYS A 100 1.80 -2.78 36.77
C LYS A 100 1.72 -4.30 36.70
N ILE A 101 1.25 -4.84 35.57
CA ILE A 101 1.14 -6.29 35.44
C ILE A 101 2.53 -6.92 35.42
N CYS A 102 3.46 -6.35 34.66
CA CYS A 102 4.82 -6.84 34.73
C CYS A 102 5.39 -6.72 36.15
N ASP A 103 5.23 -5.58 36.82
CA ASP A 103 5.66 -5.46 38.21
C ASP A 103 5.15 -6.63 39.08
N GLN A 104 3.91 -7.05 38.87
CA GLN A 104 3.40 -8.18 39.64
C GLN A 104 3.99 -9.53 39.20
N LEU A 105 4.37 -9.69 37.94
CA LEU A 105 4.85 -10.98 37.43
C LEU A 105 6.34 -11.17 37.65
N LYS A 106 7.09 -10.09 37.82
CA LYS A 106 8.56 -10.14 37.91
C LYS A 106 8.99 -11.17 38.94
N GLY A 107 9.82 -12.11 38.49
CA GLY A 107 10.35 -13.15 39.35
C GLY A 107 9.44 -14.35 39.57
N HIS A 108 8.23 -14.35 39.01
CA HIS A 108 7.25 -15.38 39.33
C HIS A 108 6.96 -16.34 38.20
N LEU A 109 7.78 -16.34 37.16
CA LEU A 109 7.48 -17.04 35.94
C LEU A 109 8.30 -18.32 35.87
N LYS A 110 7.80 -19.27 35.09
CA LYS A 110 8.50 -20.53 34.93
C LYS A 110 9.85 -20.31 34.25
N ALA A 111 10.81 -21.15 34.63
CA ALA A 111 12.12 -21.12 33.97
C ALA A 111 11.91 -21.20 32.45
N ASN A 112 12.68 -20.42 31.70
CA ASN A 112 12.66 -20.47 30.24
C ASN A 112 11.32 -20.04 29.64
N ALA A 113 10.41 -19.45 30.41
CA ALA A 113 9.20 -18.88 29.84
C ALA A 113 9.52 -17.93 28.69
N THR A 114 8.59 -17.82 27.75
CA THR A 114 8.68 -16.90 26.62
C THR A 114 7.40 -16.08 26.54
N GLY A 115 7.46 -14.96 25.82
CA GLY A 115 6.28 -14.13 25.67
C GLY A 115 6.13 -13.59 24.25
N ILE A 116 4.88 -13.18 23.96
CA ILE A 116 4.57 -12.48 22.73
C ILE A 116 3.63 -11.34 23.07
N SER A 117 3.96 -10.14 22.61
CA SER A 117 3.12 -8.96 22.82
C SER A 117 2.22 -8.72 21.61
N LEU A 118 0.92 -8.54 21.87
CA LEU A 118 -0.08 -8.07 20.91
C LEU A 118 -0.41 -6.60 21.11
N ILE A 119 0.24 -5.96 22.09
CA ILE A 119 -0.03 -4.58 22.47
C ILE A 119 0.51 -3.65 21.39
N LYS A 120 -0.36 -2.86 20.78
CA LYS A 120 -0.02 -2.06 19.59
C LYS A 120 -0.13 -0.60 19.94
N GLY A 121 0.95 0.12 19.75
CA GLY A 121 0.97 1.51 20.10
C GLY A 121 2.31 1.87 20.70
N LEU A 129 10.56 7.04 22.41
CA LEU A 129 9.70 5.93 22.03
C LEU A 129 10.40 4.69 22.56
N LYS A 130 9.70 3.84 23.27
CA LYS A 130 10.31 2.63 23.71
C LYS A 130 9.32 1.60 23.41
N LEU A 131 9.79 0.54 22.82
CA LEU A 131 8.91 -0.56 22.42
C LEU A 131 8.37 -1.33 23.60
N ILE A 132 7.06 -1.60 23.57
CA ILE A 132 6.41 -2.28 24.69
C ILE A 132 7.00 -3.67 24.93
N SER A 133 7.33 -4.39 23.86
CA SER A 133 7.93 -5.71 24.03
C SER A 133 9.23 -5.64 24.83
N GLU A 134 9.98 -4.54 24.67
CA GLU A 134 11.21 -4.34 25.43
C GLU A 134 10.90 -3.98 26.87
N VAL A 135 9.86 -3.19 27.10
CA VAL A 135 9.50 -2.93 28.49
C VAL A 135 9.18 -4.25 29.17
N ILE A 136 8.47 -5.16 28.47
CA ILE A 136 8.04 -6.40 29.10
C ILE A 136 9.21 -7.34 29.30
N GLY A 137 10.03 -7.50 28.23
CA GLY A 137 11.13 -8.45 28.28
C GLY A 137 12.20 -8.06 29.28
N GLU A 138 12.41 -6.75 29.48
CA GLU A 138 13.41 -6.25 30.41
C GLU A 138 12.94 -6.42 31.84
N ARG A 139 11.69 -6.04 32.14
CA ARG A 139 11.17 -6.20 33.50
C ARG A 139 11.09 -7.67 33.91
N LEU A 140 10.58 -8.54 33.02
CA LEU A 140 10.41 -9.95 33.35
C LEU A 140 11.63 -10.80 33.00
N GLY A 141 12.55 -10.29 32.19
CA GLY A 141 13.67 -11.13 31.75
C GLY A 141 13.26 -12.37 30.98
N ILE A 142 12.38 -12.23 29.99
CA ILE A 142 12.03 -13.36 29.14
C ILE A 142 12.20 -12.93 27.68
N PRO A 143 12.50 -13.84 26.76
CA PRO A 143 12.55 -13.46 25.34
C PRO A 143 11.17 -13.10 24.86
N MET A 144 11.10 -12.06 24.03
CA MET A 144 9.81 -11.53 23.56
C MET A 144 9.68 -11.57 22.04
N SER A 145 8.47 -11.89 21.60
CA SER A 145 8.01 -11.83 20.22
C SER A 145 6.88 -10.80 20.12
N VAL A 146 6.45 -10.50 18.91
CA VAL A 146 5.31 -9.59 18.72
C VAL A 146 4.34 -10.14 17.68
N LEU A 147 3.07 -9.74 17.80
CA LEU A 147 2.06 -10.08 16.78
C LEU A 147 1.31 -8.82 16.41
N MET A 148 1.39 -8.43 15.13
CA MET A 148 0.92 -7.15 14.62
C MET A 148 0.47 -7.31 13.16
N GLY A 149 -0.70 -6.81 12.81
CA GLY A 149 -1.09 -6.80 11.41
C GLY A 149 -2.43 -6.12 11.22
N ALA A 150 -2.98 -6.26 10.02
CA ALA A 150 -4.25 -5.59 9.71
C ALA A 150 -5.38 -6.48 10.23
N ASN A 151 -5.67 -6.35 11.53
CA ASN A 151 -6.72 -7.19 12.12
C ASN A 151 -7.45 -6.47 13.25
N ILE A 152 -8.68 -6.93 13.49
CA ILE A 152 -9.49 -6.44 14.60
C ILE A 152 -10.25 -7.63 15.19
N ALA A 153 -10.49 -7.57 16.50
CA ALA A 153 -10.95 -8.75 17.23
C ALA A 153 -12.32 -9.22 16.75
N SER A 154 -13.26 -8.29 16.59
CA SER A 154 -14.61 -8.62 16.13
C SER A 154 -14.58 -9.49 14.88
N GLU A 155 -13.88 -9.01 13.86
CA GLU A 155 -13.72 -9.74 12.59
C GLU A 155 -13.01 -11.06 12.86
N VAL A 156 -12.01 -11.09 13.73
CA VAL A 156 -11.29 -12.35 13.99
C VAL A 156 -12.19 -13.32 14.74
N ALA A 157 -13.05 -12.81 15.63
CA ALA A 157 -13.98 -13.68 16.34
C ALA A 157 -14.97 -14.29 15.36
N ASP A 158 -15.44 -13.50 14.39
CA ASP A 158 -16.37 -13.91 13.32
C ASP A 158 -15.70 -14.69 12.23
N GLU A 159 -14.44 -15.08 12.42
CA GLU A 159 -13.72 -15.88 11.43
C GLU A 159 -13.65 -15.20 10.03
N LYS A 160 -13.62 -13.87 9.96
CA LYS A 160 -13.43 -13.21 8.67
C LYS A 160 -11.96 -13.14 8.26
N PHE A 161 -11.67 -13.48 7.02
CA PHE A 161 -10.30 -13.67 6.56
C PHE A 161 -9.42 -12.42 6.74
N CYS A 162 -8.25 -12.61 7.36
CA CYS A 162 -7.22 -11.57 7.47
C CYS A 162 -5.89 -12.27 7.77
N GLU A 163 -4.82 -11.49 7.86
CA GLU A 163 -3.49 -12.02 8.12
C GLU A 163 -2.88 -11.28 9.28
N THR A 164 -1.72 -11.78 9.74
CA THR A 164 -0.91 -11.02 10.68
C THR A 164 0.55 -11.39 10.51
N THR A 165 1.41 -10.59 11.10
CA THR A 165 2.83 -10.86 11.10
C THR A 165 3.24 -11.22 12.51
N ILE A 166 4.02 -12.27 12.65
CA ILE A 166 4.74 -12.48 13.90
C ILE A 166 6.19 -12.10 13.66
N GLY A 167 6.73 -11.26 14.54
CA GLY A 167 8.15 -11.05 14.63
C GLY A 167 8.73 -11.79 15.81
N CYS A 168 9.67 -12.69 15.54
CA CYS A 168 10.23 -13.61 16.53
C CYS A 168 11.65 -13.94 16.10
N LYS A 169 12.62 -13.65 16.98
CA LYS A 169 14.03 -13.85 16.63
C LYS A 169 14.38 -15.33 16.51
N ASP A 170 13.76 -16.18 17.33
CA ASP A 170 14.14 -17.60 17.36
C ASP A 170 13.29 -18.41 16.39
N PRO A 171 13.89 -19.12 15.43
CA PRO A 171 13.09 -19.94 14.50
C PRO A 171 12.15 -20.95 15.14
N ALA A 172 12.62 -21.78 16.08
CA ALA A 172 11.71 -22.81 16.58
C ALA A 172 10.58 -22.18 17.37
N GLN A 173 10.86 -21.10 18.07
CA GLN A 173 9.83 -20.41 18.82
C GLN A 173 8.83 -19.73 17.88
N GLY A 174 9.26 -19.16 16.78
CA GLY A 174 8.31 -18.57 15.86
C GLY A 174 7.35 -19.58 15.28
N GLN A 175 7.87 -20.73 14.90
CA GLN A 175 7.07 -21.83 14.33
C GLN A 175 6.05 -22.31 15.36
N LEU A 176 6.43 -22.35 16.62
CA LEU A 176 5.53 -22.75 17.69
C LEU A 176 4.40 -21.72 17.86
N LEU A 177 4.75 -20.44 17.77
CA LEU A 177 3.71 -19.45 17.91
C LEU A 177 2.80 -19.45 16.68
N LYS A 178 3.36 -19.75 15.50
CA LYS A 178 2.53 -19.80 14.30
C LYS A 178 1.48 -20.90 14.41
N GLU A 179 1.90 -22.09 14.87
CA GLU A 179 0.96 -23.20 15.07
C GLU A 179 -0.08 -22.87 16.12
N LEU A 180 0.32 -22.16 17.17
CA LEU A 180 -0.64 -21.87 18.22
C LEU A 180 -1.74 -20.94 17.74
N MET A 181 -1.44 -20.06 16.80
CA MET A 181 -2.37 -18.98 16.51
C MET A 181 -2.96 -19.01 15.12
N GLN A 182 -2.39 -19.78 14.21
CA GLN A 182 -2.89 -19.76 12.84
C GLN A 182 -4.17 -20.60 12.68
N THR A 183 -5.14 -20.05 11.94
CA THR A 183 -6.35 -20.74 11.49
C THR A 183 -6.54 -20.51 9.99
N PRO A 184 -7.53 -21.15 9.38
CA PRO A 184 -7.74 -20.92 7.94
C PRO A 184 -8.11 -19.49 7.59
N ASN A 185 -8.65 -18.72 8.53
CA ASN A 185 -9.01 -17.34 8.32
C ASN A 185 -8.15 -16.36 9.10
N PHE A 186 -7.03 -16.82 9.66
CA PHE A 186 -6.09 -15.96 10.38
C PHE A 186 -4.69 -16.45 10.02
N ARG A 187 -4.14 -15.90 8.95
CA ARG A 187 -2.92 -16.41 8.38
C ARG A 187 -1.74 -15.60 8.87
N ILE A 188 -0.66 -16.31 9.14
CA ILE A 188 0.50 -15.77 9.83
C ILE A 188 1.71 -15.90 8.94
N THR A 189 2.51 -14.84 8.92
CA THR A 189 3.87 -14.92 8.41
C THR A 189 4.80 -14.59 9.55
N VAL A 190 5.81 -15.44 9.73
CA VAL A 190 6.82 -15.26 10.74
C VAL A 190 8.04 -14.63 10.11
N VAL A 191 8.53 -13.56 10.71
CA VAL A 191 9.75 -12.90 10.31
C VAL A 191 10.60 -12.70 11.55
N GLN A 192 11.86 -12.44 11.34
CA GLN A 192 12.79 -12.45 12.46
C GLN A 192 13.00 -11.08 13.08
N GLU A 193 12.48 -10.03 12.47
CA GLU A 193 12.78 -8.66 12.86
C GLU A 193 11.69 -8.15 13.79
N VAL A 194 11.92 -8.34 15.08
CA VAL A 194 10.92 -7.97 16.07
C VAL A 194 10.67 -6.46 16.05
N ASP A 195 11.72 -5.68 16.24
CA ASP A 195 11.57 -4.23 16.38
C ASP A 195 10.87 -3.63 15.17
N THR A 196 11.25 -4.09 13.98
CA THR A 196 10.66 -3.56 12.77
C THR A 196 9.16 -3.84 12.69
N VAL A 197 8.75 -5.06 13.01
CA VAL A 197 7.33 -5.38 13.04
C VAL A 197 6.61 -4.45 14.01
N GLU A 198 7.18 -4.26 15.20
CA GLU A 198 6.46 -3.58 16.28
C GLU A 198 6.37 -2.05 16.07
N ILE A 199 7.40 -1.42 15.51
CA ILE A 199 7.41 0.04 15.40
C ILE A 199 6.37 0.50 14.40
N CYS A 200 6.03 -0.36 13.43
CA CYS A 200 5.01 0.00 12.42
C CYS A 200 3.72 0.46 13.07
N GLY A 201 3.31 -0.22 14.15
CA GLY A 201 2.02 0.06 14.76
C GLY A 201 1.91 1.46 15.31
N ALA A 202 3.00 2.03 15.79
CA ALA A 202 2.97 3.40 16.28
C ALA A 202 3.03 4.38 15.13
N LEU A 203 3.96 4.15 14.22
CA LEU A 203 4.20 5.12 13.16
C LEU A 203 3.02 5.21 12.18
N LYS A 204 2.29 4.12 12.00
CA LYS A 204 1.22 4.10 10.99
C LYS A 204 0.15 5.13 11.30
N ASN A 205 -0.10 5.39 12.59
CA ASN A 205 -1.17 6.31 12.96
C ASN A 205 -0.82 7.75 12.63
N VAL A 206 0.46 8.09 12.62
CA VAL A 206 0.83 9.42 12.15
C VAL A 206 0.48 9.56 10.68
N VAL A 207 0.81 8.56 9.89
CA VAL A 207 0.54 8.64 8.45
C VAL A 207 -0.95 8.75 8.23
N ALA A 208 -1.72 8.03 9.05
CA ALA A 208 -3.18 8.05 8.97
C ALA A 208 -3.75 9.44 9.22
N VAL A 209 -3.13 10.19 10.13
CA VAL A 209 -3.61 11.55 10.36
C VAL A 209 -3.44 12.36 9.08
N GLY A 210 -2.29 12.23 8.44
CA GLY A 210 -2.10 12.91 7.17
C GLY A 210 -3.08 12.45 6.12
N ALA A 211 -3.25 11.14 5.98
CA ALA A 211 -4.25 10.64 5.04
C ALA A 211 -5.61 11.27 5.33
N GLY A 212 -6.02 11.30 6.60
CA GLY A 212 -7.28 11.93 6.96
C GLY A 212 -7.36 13.39 6.52
N PHE A 213 -6.28 14.16 6.71
CA PHE A 213 -6.26 15.54 6.22
C PHE A 213 -6.61 15.59 4.73
N CYS A 214 -6.10 14.67 3.94
CA CYS A 214 -6.37 14.62 2.49
C CYS A 214 -7.87 14.50 2.25
N ASP A 215 -8.51 13.55 2.90
CA ASP A 215 -9.93 13.30 2.73
C ASP A 215 -10.73 14.55 3.08
N GLY A 216 -10.35 15.20 4.20
CA GLY A 216 -11.11 16.35 4.68
C GLY A 216 -10.91 17.61 3.87
N LEU A 217 -9.77 17.72 3.18
CA LEU A 217 -9.49 18.84 2.28
C LEU A 217 -9.99 18.57 0.87
N GLY A 218 -10.51 17.38 0.61
CA GLY A 218 -11.07 17.06 -0.67
C GLY A 218 -10.07 16.59 -1.71
N PHE A 219 -8.87 16.20 -1.32
CA PHE A 219 -7.89 15.78 -2.32
C PHE A 219 -8.24 14.43 -2.91
N GLY A 220 -7.79 14.20 -4.16
CA GLY A 220 -8.13 12.95 -4.83
C GLY A 220 -7.38 11.73 -4.34
N ASP A 221 -7.81 10.56 -4.84
CA ASP A 221 -7.16 9.30 -4.48
C ASP A 221 -5.67 9.28 -4.82
N ASN A 222 -5.26 9.94 -5.91
CA ASN A 222 -3.84 9.87 -6.29
C ASN A 222 -2.98 10.75 -5.39
N THR A 223 -3.48 11.89 -4.94
CA THR A 223 -2.77 12.66 -3.92
C THR A 223 -2.66 11.86 -2.62
N LYS A 224 -3.76 11.23 -2.21
CA LYS A 224 -3.76 10.50 -0.93
C LYS A 224 -2.81 9.33 -0.99
N ALA A 225 -2.78 8.64 -2.14
CA ALA A 225 -1.85 7.55 -2.28
C ALA A 225 -0.42 8.03 -2.15
N ALA A 226 -0.11 9.20 -2.72
CA ALA A 226 1.21 9.80 -2.55
C ALA A 226 1.52 10.07 -1.08
N VAL A 227 0.56 10.59 -0.33
CA VAL A 227 0.79 10.86 1.10
C VAL A 227 1.05 9.55 1.84
N ILE A 228 0.25 8.52 1.57
CA ILE A 228 0.43 7.25 2.25
C ILE A 228 1.80 6.66 1.90
N ARG A 229 2.14 6.69 0.62
CA ARG A 229 3.42 6.15 0.18
C ARG A 229 4.57 6.88 0.83
N LEU A 230 4.53 8.20 0.80
CA LEU A 230 5.59 8.97 1.45
C LEU A 230 5.62 8.67 2.94
N GLY A 231 4.46 8.50 3.56
CA GLY A 231 4.43 8.07 4.94
C GLY A 231 5.16 6.75 5.13
N LEU A 232 4.92 5.81 4.23
CA LEU A 232 5.59 4.52 4.33
C LEU A 232 7.12 4.67 4.20
N MET A 233 7.58 5.48 3.25
CA MET A 233 9.02 5.72 3.12
C MET A 233 9.57 6.34 4.42
N GLU A 234 8.79 7.21 5.03
CA GLU A 234 9.24 7.82 6.28
C GLU A 234 9.26 6.79 7.42
N MET A 235 8.29 5.88 7.44
CA MET A 235 8.29 4.80 8.43
C MET A 235 9.54 3.95 8.29
N ILE A 236 9.85 3.54 7.06
CA ILE A 236 11.02 2.72 6.82
C ILE A 236 12.29 3.45 7.24
N ALA A 237 12.44 4.70 6.80
CA ALA A 237 13.66 5.42 7.12
C ALA A 237 13.78 5.64 8.61
N PHE A 238 12.68 5.94 9.27
CA PHE A 238 12.77 6.14 10.71
C PHE A 238 13.16 4.84 11.43
N ALA A 239 12.60 3.72 11.01
CA ALA A 239 12.96 2.46 11.65
C ALA A 239 14.44 2.15 11.46
N LYS A 240 14.94 2.28 10.23
CA LYS A 240 16.34 1.98 9.98
C LYS A 240 17.26 2.83 10.85
N LEU A 241 16.84 4.05 11.14
CA LEU A 241 17.55 5.06 11.93
C LEU A 241 17.40 4.81 13.44
N PHE A 242 16.26 4.31 13.88
CA PHE A 242 15.88 4.24 15.30
C PHE A 242 16.05 2.86 15.90
N CYS A 243 15.69 1.79 15.16
CA CYS A 243 15.50 0.48 15.73
C CYS A 243 16.80 -0.28 15.95
N SER A 244 16.87 -0.98 17.08
CA SER A 244 17.83 -2.06 17.30
C SER A 244 17.54 -3.21 16.37
N GLY A 245 18.48 -4.13 16.29
CA GLY A 245 18.26 -5.30 15.48
C GLY A 245 18.19 -4.94 14.03
N PRO A 246 18.29 -5.95 13.16
CA PRO A 246 18.26 -5.68 11.72
C PRO A 246 16.91 -5.12 11.26
N VAL A 247 16.95 -4.23 10.26
CA VAL A 247 15.77 -3.56 9.71
C VAL A 247 15.83 -3.67 8.20
N SER A 248 14.83 -4.34 7.64
CA SER A 248 14.71 -4.63 6.21
C SER A 248 13.55 -3.85 5.63
N SER A 249 13.77 -3.21 4.48
CA SER A 249 12.65 -2.61 3.77
C SER A 249 11.54 -3.62 3.50
N ALA A 250 11.90 -4.82 3.09
CA ALA A 250 10.89 -5.80 2.70
C ALA A 250 10.02 -6.23 3.88
N THR A 251 10.49 -6.11 5.13
CA THR A 251 9.60 -6.39 6.26
C THR A 251 8.34 -5.53 6.19
N PHE A 252 8.43 -4.31 5.65
CA PHE A 252 7.28 -3.41 5.61
C PHE A 252 6.27 -3.79 4.54
N LEU A 253 6.59 -4.78 3.72
CA LEU A 253 5.63 -5.37 2.81
C LEU A 253 4.77 -6.41 3.50
N GLU A 254 5.02 -6.71 4.76
CA GLU A 254 4.23 -7.69 5.47
C GLU A 254 2.96 -7.03 5.98
N SER A 255 2.12 -7.83 6.65
CA SER A 255 0.84 -7.28 7.08
C SER A 255 1.03 -6.16 8.08
N CYS A 256 2.04 -6.28 8.95
CA CYS A 256 2.26 -5.26 9.98
C CYS A 256 2.60 -3.93 9.36
N GLY A 257 3.16 -3.94 8.15
CA GLY A 257 3.52 -2.71 7.48
C GLY A 257 2.49 -2.19 6.52
N VAL A 258 2.63 -2.53 5.23
CA VAL A 258 1.76 -1.88 4.26
C VAL A 258 0.29 -2.17 4.53
N ALA A 259 -0.06 -3.39 4.99
CA ALA A 259 -1.49 -3.71 5.08
C ALA A 259 -2.15 -2.98 6.26
N ASP A 260 -1.53 -3.03 7.42
CA ASP A 260 -2.03 -2.26 8.55
C ASP A 260 -2.05 -0.78 8.20
N LEU A 261 -1.07 -0.32 7.41
CA LEU A 261 -1.03 1.11 7.07
C LEU A 261 -2.21 1.47 6.18
N ILE A 262 -2.50 0.68 5.14
CA ILE A 262 -3.62 1.07 4.29
C ILE A 262 -4.95 0.88 5.03
N THR A 263 -5.10 -0.16 5.85
CA THR A 263 -6.38 -0.29 6.51
C THR A 263 -6.64 0.89 7.44
N THR A 264 -5.60 1.35 8.14
CA THR A 264 -5.76 2.48 9.05
C THR A 264 -6.00 3.80 8.29
N CYS A 265 -5.37 3.95 7.14
CA CYS A 265 -5.50 5.18 6.33
C CYS A 265 -6.78 5.27 5.54
N TYR A 266 -7.46 4.15 5.27
CA TYR A 266 -8.74 4.17 4.58
C TYR A 266 -9.92 3.91 5.49
N GLY A 267 -9.68 3.61 6.76
CA GLY A 267 -10.72 3.38 7.71
C GLY A 267 -10.40 3.33 9.20
N GLY A 268 -9.71 4.28 9.74
CA GLY A 268 -9.46 4.26 11.16
C GLY A 268 -10.05 5.43 11.90
N ARG A 269 -9.93 5.40 13.21
CA ARG A 269 -10.36 6.53 14.04
C ARG A 269 -9.44 7.73 13.91
N ASN A 270 -8.12 7.49 13.86
N ASN A 270 -8.13 7.47 13.95
CA ASN A 270 -7.20 8.59 13.57
CA ASN A 270 -7.14 8.47 13.53
C ASN A 270 -7.60 9.27 12.26
C ASN A 270 -7.60 9.23 12.29
N ARG A 271 -7.99 8.49 11.24
CA ARG A 271 -8.35 9.08 9.96
C ARG A 271 -9.64 9.90 10.08
N LYS A 272 -10.68 9.32 10.70
CA LYS A 272 -11.98 10.00 10.76
C LYS A 272 -11.86 11.33 11.47
N VAL A 273 -11.14 11.36 12.58
CA VAL A 273 -10.96 12.61 13.32
C VAL A 273 -10.13 13.59 12.53
N ALA A 274 -9.04 13.10 11.90
CA ALA A 274 -8.20 14.02 11.14
C ALA A 274 -9.01 14.69 10.05
N GLU A 275 -9.82 13.89 9.31
CA GLU A 275 -10.66 14.41 8.24
C GLU A 275 -11.62 15.46 8.78
N ALA A 276 -12.37 15.12 9.83
CA ALA A 276 -13.32 16.07 10.40
C ALA A 276 -12.63 17.37 10.78
N PHE A 277 -11.43 17.27 11.35
CA PHE A 277 -10.68 18.46 11.71
C PHE A 277 -10.34 19.30 10.48
N ALA A 278 -9.91 18.66 9.40
CA ALA A 278 -9.58 19.40 8.17
C ALA A 278 -10.83 19.96 7.50
N ARG A 279 -11.93 19.20 7.54
CA ARG A 279 -13.17 19.53 6.85
C ARG A 279 -14.05 20.51 7.62
N THR A 280 -14.02 20.52 8.97
CA THR A 280 -14.90 21.38 9.78
C THR A 280 -14.17 22.49 10.52
N GLY A 281 -12.87 22.37 10.75
CA GLY A 281 -12.15 23.33 11.56
C GLY A 281 -12.18 23.04 13.05
N LYS A 282 -12.96 22.06 13.49
CA LYS A 282 -13.12 21.82 14.93
C LYS A 282 -11.84 21.20 15.50
N SER A 283 -11.34 21.78 16.59
CA SER A 283 -10.10 21.32 17.24
C SER A 283 -10.06 19.81 17.45
N ILE A 284 -8.84 19.27 17.62
CA ILE A 284 -8.69 17.85 17.91
C ILE A 284 -9.19 17.51 19.31
N GLU A 285 -8.86 18.34 20.31
CA GLU A 285 -9.47 18.19 21.62
C GLU A 285 -10.98 18.10 21.51
N GLN A 286 -11.60 19.06 20.83
CA GLN A 286 -13.06 19.08 20.70
C GLN A 286 -13.56 17.81 20.04
N LEU A 287 -12.91 17.39 18.94
CA LEU A 287 -13.34 16.19 18.25
C LEU A 287 -12.96 14.93 19.00
N GLU A 288 -11.95 14.99 19.87
CA GLU A 288 -11.68 13.86 20.76
C GLU A 288 -12.82 13.69 21.75
N LYS A 289 -13.18 14.77 22.45
CA LYS A 289 -14.28 14.73 23.42
C LYS A 289 -15.56 14.23 22.76
N GLU A 290 -16.06 14.98 21.78
CA GLU A 290 -17.27 14.57 21.07
C GLU A 290 -17.16 13.10 20.64
N LEU A 291 -16.28 12.80 19.68
CA LEU A 291 -16.25 11.51 19.00
C LEU A 291 -15.60 10.36 19.77
N LEU A 292 -14.99 10.58 20.92
CA LEU A 292 -14.19 9.49 21.51
C LEU A 292 -14.06 9.54 23.04
N GLY A 294 -13.44 11.37 25.87
CA GLY A 294 -12.40 12.25 25.41
C GLY A 294 -11.11 11.50 25.26
N GLN A 295 -11.22 10.30 24.67
CA GLN A 295 -10.05 9.44 24.50
C GLN A 295 -9.06 10.08 23.52
N LYS A 296 -7.77 9.88 23.79
CA LYS A 296 -6.71 10.61 23.09
C LYS A 296 -6.32 9.88 21.81
N LEU A 297 -6.38 10.61 20.70
CA LEU A 297 -5.84 10.11 19.43
C LEU A 297 -4.37 9.78 19.57
N GLN A 298 -3.96 8.64 19.02
CA GLN A 298 -2.58 8.21 19.21
C GLN A 298 -1.61 8.90 18.24
N GLY A 299 -2.02 9.08 16.98
CA GLY A 299 -1.19 9.70 15.96
C GLY A 299 -0.50 11.00 16.37
N PRO A 300 -1.26 11.99 16.81
CA PRO A 300 -0.63 13.27 17.17
C PRO A 300 0.47 13.16 18.22
N GLU A 301 0.25 12.40 19.30
CA GLU A 301 1.27 12.30 20.37
C GLU A 301 2.55 11.62 19.87
N THR A 302 2.40 10.53 19.13
CA THR A 302 3.58 9.92 18.53
C THR A 302 4.36 10.94 17.71
N ALA A 303 3.65 11.74 16.91
CA ALA A 303 4.31 12.77 16.12
C ALA A 303 5.14 13.70 17.00
N ARG A 304 4.60 14.12 18.14
CA ARG A 304 5.36 14.97 19.05
C ARG A 304 6.59 14.26 19.59
N GLU A 305 6.47 12.96 19.91
CA GLU A 305 7.66 12.23 20.34
C GLU A 305 8.68 12.15 19.24
N LEU A 306 8.22 11.91 18.00
CA LEU A 306 9.14 11.85 16.87
C LEU A 306 9.92 13.15 16.73
N TYR A 307 9.24 14.27 16.97
CA TYR A 307 9.87 15.58 16.81
C TYR A 307 11.02 15.76 17.80
N SER A 308 10.84 15.30 19.05
CA SER A 308 11.92 15.37 20.02
C SER A 308 13.09 14.52 19.59
N ILE A 309 12.82 13.29 19.19
CA ILE A 309 13.89 12.39 18.77
C ILE A 309 14.63 12.97 17.60
N LEU A 310 13.89 13.48 16.60
CA LEU A 310 14.54 13.95 15.40
C LEU A 310 15.36 15.20 15.66
N GLN A 311 14.93 16.03 16.60
CA GLN A 311 15.73 17.19 16.99
C GLN A 311 17.08 16.73 17.53
N HIS A 312 17.06 15.74 18.41
CA HIS A 312 18.30 15.26 19.01
C HIS A 312 19.25 14.75 17.96
N LYS A 313 18.76 14.35 16.79
CA LYS A 313 19.60 13.81 15.74
C LYS A 313 19.81 14.78 14.59
N GLY A 314 19.18 15.95 14.65
CA GLY A 314 19.35 16.94 13.61
C GLY A 314 18.68 16.58 12.31
N LEU A 315 17.57 15.85 12.37
CA LEU A 315 16.96 15.24 11.20
C LEU A 315 15.53 15.69 10.99
N VAL A 316 15.09 16.73 11.70
CA VAL A 316 13.71 17.18 11.58
C VAL A 316 13.35 17.43 10.12
N ASP A 317 14.34 17.87 9.30
CA ASP A 317 14.11 18.21 7.90
C ASP A 317 13.91 16.99 7.02
N LYS A 318 14.28 15.81 7.51
CA LYS A 318 14.25 14.62 6.68
C LYS A 318 12.93 13.88 6.76
N PHE A 319 12.00 14.32 7.62
CA PHE A 319 10.72 13.66 7.80
C PHE A 319 9.62 14.70 7.70
N PRO A 320 9.43 15.27 6.51
CA PRO A 320 8.43 16.32 6.37
C PRO A 320 7.01 15.84 6.60
N LEU A 321 6.65 14.60 6.24
CA LEU A 321 5.29 14.15 6.53
C LEU A 321 5.06 14.08 8.03
N PHE A 322 5.86 13.28 8.74
CA PHE A 322 5.75 13.21 10.20
C PHE A 322 5.76 14.58 10.87
N MET A 323 6.59 15.52 10.37
CA MET A 323 6.68 16.81 11.04
C MET A 323 5.57 17.75 10.64
N ALA A 324 4.99 17.54 9.46
CA ALA A 324 3.77 18.27 9.10
C ALA A 324 2.61 17.88 10.02
N VAL A 325 2.36 16.57 10.21
CA VAL A 325 1.36 16.17 11.20
C VAL A 325 1.62 16.87 12.52
N TYR A 326 2.87 16.85 13.00
CA TYR A 326 3.20 17.45 14.28
C TYR A 326 2.90 18.95 14.28
N LYS A 327 3.34 19.67 13.24
CA LYS A 327 3.18 21.12 13.30
C LYS A 327 1.73 21.57 13.13
N VAL A 328 0.91 20.81 12.37
CA VAL A 328 -0.50 21.17 12.23
C VAL A 328 -1.24 20.87 13.53
N CYS A 329 -0.84 19.81 14.22
CA CYS A 329 -1.52 19.40 15.44
C CYS A 329 -1.12 20.23 16.66
N TYR A 330 0.13 20.69 16.74
CA TYR A 330 0.65 21.29 17.95
C TYR A 330 1.18 22.72 17.78
N GLU A 331 1.70 23.08 16.61
CA GLU A 331 2.24 24.43 16.41
C GLU A 331 1.36 25.29 15.52
N GLY A 332 0.07 24.95 15.42
CA GLY A 332 -0.89 25.77 14.70
C GLY A 332 -0.60 25.99 13.22
N GLN A 333 0.18 25.15 12.59
CA GLN A 333 0.36 25.27 11.14
C GLN A 333 -0.98 24.98 10.45
N PRO A 334 -1.39 25.79 9.46
CA PRO A 334 -2.70 25.59 8.84
C PRO A 334 -2.76 24.28 8.06
N VAL A 335 -3.83 23.52 8.29
CA VAL A 335 -3.92 22.19 7.68
C VAL A 335 -4.02 22.27 6.17
N GLY A 336 -4.46 23.42 5.64
CA GLY A 336 -4.59 23.58 4.20
C GLY A 336 -3.27 23.62 3.46
N GLU A 337 -2.15 23.79 4.17
CA GLU A 337 -0.79 23.86 3.62
C GLU A 337 0.00 22.57 3.83
N PHE A 338 -0.62 21.57 4.39
CA PHE A 338 0.04 20.30 4.68
C PHE A 338 0.77 19.75 3.44
N ILE A 339 0.16 19.89 2.28
CA ILE A 339 0.71 19.33 1.07
C ILE A 339 1.98 20.08 0.64
N HIS A 340 2.11 21.35 0.98
CA HIS A 340 3.30 22.09 0.58
C HIS A 340 4.56 21.47 1.17
N CYS A 341 4.47 20.89 2.35
CA CYS A 341 5.60 20.27 3.08
C CYS A 341 6.07 19.00 2.36
N LEU A 342 5.32 18.47 1.39
CA LEU A 342 5.68 17.25 0.67
C LEU A 342 6.21 17.55 -0.74
N GLN A 343 6.35 18.81 -1.08
CA GLN A 343 6.78 19.20 -2.40
C GLN A 343 8.29 19.26 -2.57
N ASN A 344 9.06 19.16 -1.48
N ASN A 344 9.08 19.15 -1.50
CA ASN A 344 10.50 19.01 -1.55
CA ASN A 344 10.52 18.96 -1.65
C ASN A 344 10.95 17.84 -0.68
C ASN A 344 10.95 17.86 -0.69
N HIS A 345 10.32 16.69 -0.86
CA HIS A 345 10.56 15.55 -0.01
C HIS A 345 11.94 14.92 -0.28
N PRO A 346 12.63 14.48 0.76
CA PRO A 346 13.87 13.70 0.56
C PRO A 346 13.74 12.59 -0.46
N GLU A 347 12.58 11.92 -0.59
CA GLU A 347 12.44 10.85 -1.58
C GLU A 347 12.68 11.33 -3.02
N HIS A 348 12.39 12.59 -3.32
CA HIS A 348 12.51 13.06 -4.71
C HIS A 348 13.76 13.89 -4.94
N MET A 349 14.63 13.95 -3.94
CA MET A 349 15.87 14.70 -4.05
C MET A 349 16.87 13.89 -4.85
N ALA B 2 24.53 22.51 -27.68
CA ALA B 2 24.07 21.14 -27.87
C ALA B 2 22.98 20.82 -26.85
N SER B 3 22.11 21.80 -26.62
CA SER B 3 20.92 21.61 -25.81
C SER B 3 20.01 20.57 -26.47
N LYS B 4 19.38 19.72 -25.64
CA LYS B 4 18.67 18.56 -26.14
C LYS B 4 17.28 18.93 -26.64
N LYS B 5 16.91 18.37 -27.78
CA LYS B 5 15.60 18.63 -28.38
C LYS B 5 14.61 17.52 -28.04
N VAL B 6 13.38 17.92 -27.73
CA VAL B 6 12.36 17.00 -27.25
C VAL B 6 11.25 16.89 -28.29
N CYS B 7 10.78 15.67 -28.54
CA CYS B 7 9.56 15.48 -29.30
C CYS B 7 8.57 14.65 -28.49
N ILE B 8 7.31 15.10 -28.39
CA ILE B 8 6.25 14.36 -27.69
C ILE B 8 5.45 13.63 -28.75
N VAL B 9 5.61 12.30 -28.80
CA VAL B 9 4.97 11.48 -29.81
C VAL B 9 3.63 11.06 -29.21
N GLY B 10 2.57 11.77 -29.57
CA GLY B 10 1.28 11.57 -28.92
C GLY B 10 0.72 12.92 -28.53
N SER B 11 -0.58 13.10 -28.64
CA SER B 11 -1.16 14.38 -28.25
C SER B 11 -2.56 14.21 -27.70
N GLY B 12 -2.82 13.09 -27.04
CA GLY B 12 -4.10 12.85 -26.43
C GLY B 12 -4.22 13.52 -25.07
N ASN B 13 -4.95 12.86 -24.17
CA ASN B 13 -5.21 13.40 -22.84
C ASN B 13 -3.91 13.54 -22.08
N TRP B 14 -3.15 12.47 -22.03
CA TRP B 14 -1.90 12.41 -21.29
C TRP B 14 -0.80 13.18 -22.00
N GLY B 15 -0.71 13.01 -23.32
CA GLY B 15 0.28 13.75 -24.09
C GLY B 15 0.13 15.24 -23.88
N SER B 16 -1.09 15.75 -24.01
CA SER B 16 -1.33 17.18 -23.84
C SER B 16 -0.97 17.63 -22.42
N ALA B 17 -1.43 16.89 -21.41
CA ALA B 17 -1.06 17.28 -20.04
C ALA B 17 0.44 17.22 -19.84
N ILE B 18 1.08 16.20 -20.38
CA ILE B 18 2.54 16.13 -20.23
C ILE B 18 3.19 17.30 -20.95
N ALA B 19 2.57 17.75 -22.05
CA ALA B 19 3.10 18.91 -22.78
C ALA B 19 3.11 20.16 -21.92
N LYS B 20 2.12 20.32 -21.02
CA LYS B 20 2.13 21.54 -20.19
C LYS B 20 3.40 21.59 -19.36
N ILE B 21 3.85 20.46 -18.85
CA ILE B 21 5.03 20.46 -18.01
C ILE B 21 6.28 20.56 -18.85
N VAL B 22 6.34 19.73 -19.89
CA VAL B 22 7.55 19.60 -20.66
C VAL B 22 7.89 20.92 -21.33
N GLY B 23 6.89 21.57 -21.92
CA GLY B 23 7.11 22.87 -22.52
C GLY B 23 7.70 23.85 -21.52
N GLY B 24 7.15 23.89 -20.31
CA GLY B 24 7.64 24.84 -19.34
C GLY B 24 9.06 24.52 -18.94
N ASN B 25 9.35 23.24 -18.68
CA ASN B 25 10.69 22.93 -18.23
C ASN B 25 11.71 23.10 -19.35
N ALA B 26 11.29 22.84 -20.59
CA ALA B 26 12.22 22.92 -21.71
C ALA B 26 12.58 24.37 -22.04
N ALA B 27 11.64 25.30 -21.86
CA ALA B 27 11.94 26.73 -21.93
C ALA B 27 12.88 27.17 -20.81
N GLN B 28 12.59 26.76 -19.56
CA GLN B 28 13.30 27.40 -18.46
C GLN B 28 14.72 26.91 -18.33
N LEU B 29 14.98 25.62 -18.60
CA LEU B 29 16.26 25.02 -18.28
C LEU B 29 17.15 25.10 -19.50
N ALA B 30 18.41 25.46 -19.27
CA ALA B 30 19.32 25.72 -20.38
C ALA B 30 19.76 24.44 -21.07
N GLN B 31 19.65 23.28 -20.40
CA GLN B 31 20.08 22.04 -21.04
C GLN B 31 19.11 21.55 -22.09
N PHE B 32 17.97 22.21 -22.23
CA PHE B 32 16.96 21.77 -23.20
C PHE B 32 16.71 22.86 -24.21
N ASP B 33 16.45 22.44 -25.44
CA ASP B 33 16.05 23.37 -26.51
C ASP B 33 14.63 23.81 -26.25
N PRO B 34 14.30 25.10 -26.34
CA PRO B 34 12.92 25.53 -26.05
C PRO B 34 11.90 25.01 -27.02
N ARG B 35 12.31 24.65 -28.23
CA ARG B 35 11.33 24.23 -29.24
C ARG B 35 11.00 22.76 -29.00
N VAL B 36 9.77 22.51 -28.55
CA VAL B 36 9.27 21.16 -28.26
C VAL B 36 8.24 20.83 -29.31
N THR B 37 8.50 19.81 -30.10
CA THR B 37 7.54 19.39 -31.10
C THR B 37 6.64 18.37 -30.45
N MET B 38 5.40 18.32 -30.92
CA MET B 38 4.46 17.33 -30.45
C MET B 38 3.80 16.74 -31.68
N TRP B 39 4.05 15.47 -31.95
CA TRP B 39 3.35 14.84 -33.05
C TRP B 39 1.86 14.80 -32.74
N VAL B 40 1.07 15.44 -33.59
CA VAL B 40 -0.38 15.47 -33.49
C VAL B 40 -0.96 14.80 -34.72
N PHE B 41 -1.46 13.58 -34.54
CA PHE B 41 -2.30 12.94 -35.54
C PHE B 41 -3.39 13.90 -35.98
N GLU B 42 -3.38 14.28 -37.26
CA GLU B 42 -4.24 15.37 -37.71
C GLU B 42 -5.71 14.96 -37.68
N GLU B 43 -6.55 15.93 -37.31
CA GLU B 43 -8.00 15.71 -37.26
C GLU B 43 -8.70 17.02 -37.59
N ASP B 44 -9.88 16.89 -38.18
CA ASP B 44 -10.70 18.03 -38.57
C ASP B 44 -11.63 18.35 -37.40
N ILE B 45 -11.52 19.56 -36.85
CA ILE B 45 -12.41 20.01 -35.78
C ILE B 45 -13.14 21.24 -36.29
N GLY B 46 -14.41 21.06 -36.65
CA GLY B 46 -15.20 22.15 -37.20
C GLY B 46 -14.64 22.71 -38.49
N GLY B 47 -14.22 21.84 -39.41
CA GLY B 47 -13.60 22.31 -40.63
C GLY B 47 -12.30 23.06 -40.40
N LYS B 48 -11.59 22.76 -39.31
CA LYS B 48 -10.29 23.37 -39.02
C LYS B 48 -9.32 22.28 -38.58
N LYS B 49 -8.03 22.53 -38.81
CA LYS B 49 -7.00 21.54 -38.53
C LYS B 49 -6.56 21.62 -37.06
N LEU B 50 -6.62 20.48 -36.37
CA LEU B 50 -6.22 20.43 -34.97
C LEU B 50 -4.82 21.01 -34.75
N THR B 51 -3.85 20.64 -35.61
CA THR B 51 -2.49 21.19 -35.50
C THR B 51 -2.51 22.71 -35.62
N GLU B 52 -3.40 23.21 -36.49
CA GLU B 52 -3.56 24.65 -36.66
C GLU B 52 -4.15 25.30 -35.40
N ILE B 53 -5.24 24.72 -34.87
CA ILE B 53 -5.80 25.23 -33.62
C ILE B 53 -4.75 25.22 -32.53
N ILE B 54 -4.00 24.12 -32.40
CA ILE B 54 -2.98 24.07 -31.36
C ILE B 54 -1.92 25.16 -31.59
N ASN B 55 -1.55 25.40 -32.84
CA ASN B 55 -0.49 26.39 -33.06
C ASN B 55 -0.98 27.83 -33.00
N THR B 56 -2.28 28.07 -33.08
CA THR B 56 -2.81 29.44 -32.97
C THR B 56 -3.40 29.76 -31.58
N GLN B 57 -4.24 28.86 -31.01
CA GLN B 57 -4.83 29.03 -29.66
C GLN B 57 -4.01 28.44 -28.51
N HIS B 58 -3.09 27.53 -28.80
CA HIS B 58 -2.26 26.84 -27.81
C HIS B 58 -3.14 26.08 -26.79
N GLU B 59 -4.09 25.34 -27.32
CA GLU B 59 -5.09 24.60 -26.56
C GLU B 59 -5.43 23.39 -27.41
N ASN B 60 -5.41 22.21 -26.81
CA ASN B 60 -5.90 21.02 -27.50
C ASN B 60 -7.39 20.95 -27.16
N VAL B 61 -8.18 21.60 -28.03
CA VAL B 61 -9.60 21.78 -27.83
C VAL B 61 -10.35 20.48 -27.84
N LYS B 62 -9.73 19.41 -28.34
CA LYS B 62 -10.39 18.12 -28.32
C LYS B 62 -10.03 17.27 -27.09
N TYR B 63 -8.74 17.10 -26.77
CA TYR B 63 -8.32 16.15 -25.75
C TYR B 63 -7.92 16.79 -24.43
N LEU B 64 -7.75 18.12 -24.37
CA LEU B 64 -7.48 18.75 -23.09
C LEU B 64 -8.05 20.17 -23.14
N PRO B 65 -9.33 20.29 -23.35
CA PRO B 65 -9.93 21.61 -23.48
C PRO B 65 -9.80 22.37 -22.18
N GLY B 66 -9.79 23.70 -22.29
CA GLY B 66 -9.73 24.56 -21.13
C GLY B 66 -8.33 24.82 -20.63
N HIS B 67 -7.34 24.12 -21.14
CA HIS B 67 -5.96 24.28 -20.69
C HIS B 67 -5.11 24.86 -21.81
N LYS B 68 -4.20 25.76 -21.42
CA LYS B 68 -3.27 26.38 -22.36
C LYS B 68 -1.97 25.62 -22.32
N LEU B 69 -1.44 25.30 -23.50
CA LEU B 69 -0.10 24.71 -23.59
C LEU B 69 0.94 25.80 -23.76
N PRO B 70 2.12 25.63 -23.18
CA PRO B 70 3.20 26.58 -23.43
C PRO B 70 3.39 26.80 -24.92
N PRO B 71 3.60 28.05 -25.35
CA PRO B 71 3.54 28.34 -26.77
C PRO B 71 4.75 27.87 -27.52
N ASN B 72 5.79 27.47 -26.81
CA ASN B 72 6.95 26.87 -27.44
C ASN B 72 6.71 25.42 -27.83
N VAL B 73 5.52 24.88 -27.57
CA VAL B 73 5.18 23.53 -27.97
C VAL B 73 4.49 23.63 -29.31
N VAL B 74 5.09 22.99 -30.32
CA VAL B 74 4.68 23.09 -31.73
C VAL B 74 4.02 21.77 -32.13
N ALA B 75 2.75 21.83 -32.51
CA ALA B 75 2.10 20.70 -33.15
C ALA B 75 2.65 20.49 -34.57
N VAL B 76 2.97 19.23 -34.88
CA VAL B 76 3.48 18.81 -36.19
C VAL B 76 2.68 17.58 -36.62
N PRO B 77 2.01 17.60 -37.77
CA PRO B 77 1.16 16.46 -38.12
C PRO B 77 1.89 15.25 -38.69
N ASP B 78 3.12 15.41 -39.14
CA ASP B 78 3.87 14.29 -39.68
C ASP B 78 4.86 13.81 -38.62
N VAL B 79 4.77 12.53 -38.27
CA VAL B 79 5.48 12.04 -37.11
C VAL B 79 6.97 12.01 -37.40
N VAL B 80 7.35 11.74 -38.66
CA VAL B 80 8.76 11.79 -39.02
C VAL B 80 9.31 13.19 -38.85
N GLN B 81 8.63 14.20 -39.41
CA GLN B 81 9.05 15.60 -39.25
C GLN B 81 9.12 16.00 -37.77
N ALA B 82 8.16 15.52 -36.96
CA ALA B 82 8.13 15.86 -35.53
C ALA B 82 9.38 15.35 -34.81
N ALA B 83 9.78 14.11 -35.08
CA ALA B 83 10.79 13.44 -34.28
C ALA B 83 12.20 13.46 -34.88
N GLU B 84 12.38 13.85 -36.13
CA GLU B 84 13.62 13.47 -36.79
C GLU B 84 14.83 14.19 -36.23
N ASP B 85 14.69 15.43 -35.75
CA ASP B 85 15.81 16.11 -35.11
C ASP B 85 15.79 15.97 -33.57
N ALA B 86 15.05 15.00 -33.03
CA ALA B 86 14.85 14.97 -31.58
C ALA B 86 15.89 14.11 -30.86
N ASP B 87 16.41 14.63 -29.75
CA ASP B 87 17.25 13.83 -28.87
C ASP B 87 16.44 12.96 -27.91
N ILE B 88 15.27 13.43 -27.49
CA ILE B 88 14.44 12.72 -26.49
C ILE B 88 13.06 12.57 -27.07
N LEU B 89 12.58 11.33 -27.18
CA LEU B 89 11.23 11.09 -27.63
C LEU B 89 10.38 10.58 -26.46
N ILE B 90 9.16 11.10 -26.38
CA ILE B 90 8.24 10.77 -25.28
C ILE B 90 7.05 10.12 -25.94
N PHE B 91 6.92 8.82 -25.74
CA PHE B 91 5.87 8.03 -26.38
C PHE B 91 4.66 7.99 -25.49
N VAL B 92 3.58 8.55 -25.96
CA VAL B 92 2.40 8.65 -25.19
C VAL B 92 1.15 8.53 -26.06
N VAL B 93 0.90 7.35 -26.54
CA VAL B 93 -0.28 7.07 -27.37
C VAL B 93 -0.92 5.79 -26.88
N PRO B 94 -2.22 5.60 -27.11
CA PRO B 94 -2.84 4.32 -26.78
C PRO B 94 -2.07 3.19 -27.46
N HIS B 95 -1.99 2.07 -26.74
CA HIS B 95 -1.17 0.93 -27.09
C HIS B 95 -1.44 0.43 -28.51
N GLN B 96 -2.63 0.60 -29.02
CA GLN B 96 -2.99 0.06 -30.30
C GLN B 96 -2.41 0.76 -31.51
N PHE B 97 -1.83 1.93 -31.31
CA PHE B 97 -1.26 2.68 -32.41
C PHE B 97 0.26 2.69 -32.43
N ILE B 98 0.91 2.17 -31.38
CA ILE B 98 2.34 2.38 -31.23
C ILE B 98 3.11 1.63 -32.32
N GLY B 99 2.63 0.44 -32.68
CA GLY B 99 3.19 -0.35 -33.75
C GLY B 99 3.32 0.41 -35.07
N LYS B 100 2.21 0.93 -35.58
CA LYS B 100 2.26 1.69 -36.84
C LYS B 100 3.20 2.89 -36.71
N ILE B 101 3.11 3.62 -35.59
CA ILE B 101 4.01 4.76 -35.38
C ILE B 101 5.47 4.32 -35.46
N CYS B 102 5.81 3.23 -34.77
CA CYS B 102 7.19 2.76 -34.85
C CYS B 102 7.55 2.35 -36.28
N ASP B 103 6.59 1.80 -37.04
CA ASP B 103 6.89 1.43 -38.41
C ASP B 103 7.11 2.63 -39.31
N GLN B 104 6.60 3.81 -38.95
CA GLN B 104 6.89 5.01 -39.73
C GLN B 104 8.18 5.69 -39.30
N LEU B 105 8.61 5.50 -38.06
CA LEU B 105 9.79 6.19 -37.56
C LEU B 105 11.08 5.41 -37.78
N LYS B 106 11.01 4.11 -38.02
CA LYS B 106 12.21 3.28 -38.09
C LYS B 106 13.16 3.82 -39.16
N GLY B 107 14.44 3.92 -38.80
CA GLY B 107 15.47 4.45 -39.68
C GLY B 107 15.56 5.96 -39.76
N HIS B 108 14.65 6.68 -39.09
CA HIS B 108 14.53 8.13 -39.31
C HIS B 108 14.88 8.96 -38.08
N LEU B 109 15.50 8.39 -37.07
CA LEU B 109 15.74 9.13 -35.84
C LEU B 109 17.21 9.50 -35.76
N LYS B 110 17.48 10.58 -35.04
CA LYS B 110 18.86 10.91 -34.70
C LYS B 110 19.57 9.67 -34.19
N ALA B 111 20.88 9.58 -34.48
CA ALA B 111 21.62 8.39 -34.10
C ALA B 111 21.70 8.23 -32.59
N ASN B 112 21.59 9.33 -31.86
CA ASN B 112 21.76 9.35 -30.41
C ASN B 112 20.43 9.44 -29.66
N ALA B 113 19.32 9.20 -30.34
CA ALA B 113 18.01 9.46 -29.75
C ALA B 113 17.70 8.46 -28.64
N THR B 114 17.02 8.96 -27.60
CA THR B 114 16.52 8.19 -26.46
C THR B 114 15.02 8.33 -26.37
N GLY B 115 14.42 7.46 -25.57
CA GLY B 115 12.98 7.35 -25.56
C GLY B 115 12.52 7.09 -24.15
N ILE B 116 11.33 7.57 -23.85
CA ILE B 116 10.66 7.20 -22.60
C ILE B 116 9.21 6.89 -22.95
N SER B 117 8.73 5.76 -22.48
CA SER B 117 7.36 5.35 -22.71
C SER B 117 6.49 5.63 -21.50
N LEU B 118 5.35 6.25 -21.76
CA LEU B 118 4.30 6.54 -20.82
C LEU B 118 3.10 5.65 -21.06
N ILE B 119 3.21 4.75 -22.04
CA ILE B 119 2.11 3.85 -22.40
C ILE B 119 1.97 2.80 -21.31
N LYS B 120 0.80 2.75 -20.67
CA LYS B 120 0.66 1.95 -19.45
C LYS B 120 -0.23 0.72 -19.69
N GLY B 128 1.59 -10.48 -26.08
CA GLY B 128 1.59 -11.63 -25.20
C GLY B 128 2.28 -11.36 -23.88
N LEU B 129 2.12 -10.13 -23.44
CA LEU B 129 2.68 -9.64 -22.22
C LEU B 129 4.05 -9.03 -22.40
N LYS B 130 4.50 -8.85 -23.62
CA LYS B 130 5.78 -8.21 -23.82
C LYS B 130 5.66 -6.75 -23.46
N LEU B 131 6.73 -6.20 -22.90
CA LEU B 131 6.70 -4.80 -22.48
C LEU B 131 6.66 -3.91 -23.69
N ILE B 132 5.68 -3.01 -23.68
CA ILE B 132 5.58 -2.03 -24.76
C ILE B 132 6.90 -1.26 -24.94
N SER B 133 7.61 -0.98 -23.85
CA SER B 133 8.88 -0.28 -24.05
C SER B 133 9.84 -1.08 -24.92
N GLU B 134 9.81 -2.41 -24.78
CA GLU B 134 10.66 -3.28 -25.60
C GLU B 134 10.20 -3.28 -27.05
N VAL B 135 8.90 -3.28 -27.28
CA VAL B 135 8.43 -3.16 -28.64
C VAL B 135 9.04 -1.94 -29.30
N ILE B 136 9.11 -0.83 -28.57
CA ILE B 136 9.58 0.43 -29.16
C ILE B 136 11.09 0.39 -29.31
N GLY B 137 11.80 0.06 -28.22
CA GLY B 137 13.24 0.02 -28.28
C GLY B 137 13.76 -0.89 -29.38
N GLU B 138 13.09 -2.04 -29.59
CA GLU B 138 13.54 -3.00 -30.60
C GLU B 138 13.25 -2.49 -32.01
N ARG B 139 12.04 -1.99 -32.25
CA ARG B 139 11.70 -1.57 -33.62
C ARG B 139 12.51 -0.35 -34.04
N LEU B 140 12.83 0.55 -33.10
CA LEU B 140 13.50 1.81 -33.42
C LEU B 140 14.99 1.81 -33.09
N GLY B 141 15.46 0.87 -32.28
CA GLY B 141 16.83 0.91 -31.82
C GLY B 141 17.23 2.10 -30.95
N ILE B 142 16.46 2.40 -29.90
CA ILE B 142 16.85 3.45 -28.95
C ILE B 142 16.74 2.92 -27.53
N PRO B 143 17.64 3.31 -26.63
CA PRO B 143 17.40 3.07 -25.21
C PRO B 143 16.05 3.64 -24.79
N MET B 144 15.34 2.86 -23.97
CA MET B 144 14.00 3.23 -23.52
C MET B 144 13.95 3.30 -22.00
N SER B 145 13.26 4.34 -21.52
CA SER B 145 12.92 4.51 -20.13
C SER B 145 11.41 4.40 -20.02
N VAL B 146 10.88 4.35 -18.80
CA VAL B 146 9.43 4.31 -18.66
C VAL B 146 9.02 5.32 -17.59
N LEU B 147 7.75 5.73 -17.64
CA LEU B 147 7.22 6.72 -16.70
C LEU B 147 5.86 6.21 -16.26
N MET B 148 5.80 5.82 -14.98
CA MET B 148 4.64 5.12 -14.44
C MET B 148 4.44 5.54 -13.00
N GLY B 149 3.18 5.74 -12.61
CA GLY B 149 2.88 6.04 -11.22
C GLY B 149 1.38 6.24 -11.02
N ALA B 150 1.04 6.56 -9.76
CA ALA B 150 -0.35 6.82 -9.41
C ALA B 150 -0.69 8.23 -9.86
N ASN B 151 -1.08 8.35 -11.11
CA ASN B 151 -1.38 9.63 -11.69
C ASN B 151 -2.32 9.59 -12.87
N ILE B 152 -2.98 10.70 -13.11
CA ILE B 152 -3.89 10.81 -14.25
C ILE B 152 -3.75 12.19 -14.85
N ALA B 153 -4.13 12.28 -16.12
CA ALA B 153 -3.81 13.46 -16.92
C ALA B 153 -4.53 14.70 -16.38
N SER B 154 -5.84 14.59 -16.15
CA SER B 154 -6.62 15.73 -15.66
C SER B 154 -5.98 16.35 -14.43
N GLU B 155 -5.52 15.51 -13.50
CA GLU B 155 -4.98 16.04 -12.26
C GLU B 155 -3.65 16.67 -12.52
N VAL B 156 -2.84 16.06 -13.40
CA VAL B 156 -1.55 16.65 -13.68
C VAL B 156 -1.72 17.98 -14.39
N ALA B 157 -2.71 18.07 -15.28
CA ALA B 157 -3.04 19.33 -15.92
C ALA B 157 -3.54 20.37 -14.92
N ASP B 158 -4.23 19.94 -13.85
CA ASP B 158 -4.71 20.85 -12.81
C ASP B 158 -3.68 21.11 -11.74
N GLU B 159 -2.44 20.62 -11.92
CA GLU B 159 -1.38 20.80 -10.92
C GLU B 159 -1.80 20.26 -9.55
N LYS B 160 -2.59 19.18 -9.52
CA LYS B 160 -2.89 18.51 -8.25
C LYS B 160 -1.76 17.57 -7.88
N PHE B 161 -1.29 17.69 -6.62
CA PHE B 161 -0.11 16.95 -6.19
C PHE B 161 -0.21 15.43 -6.41
N CYS B 162 0.81 14.89 -7.08
CA CYS B 162 0.99 13.46 -7.22
C CYS B 162 2.44 13.17 -7.62
N GLU B 163 2.76 11.88 -7.66
CA GLU B 163 4.11 11.42 -7.93
C GLU B 163 4.09 10.52 -9.16
N THR B 164 5.29 10.26 -9.68
CA THR B 164 5.46 9.19 -10.64
C THR B 164 6.86 8.61 -10.47
N THR B 165 7.05 7.42 -11.02
CA THR B 165 8.34 6.80 -11.04
C THR B 165 8.87 6.84 -12.47
N ILE B 166 10.17 6.97 -12.60
CA ILE B 166 10.81 6.81 -13.89
C ILE B 166 11.78 5.66 -13.76
N GLY B 167 11.67 4.69 -14.68
CA GLY B 167 12.63 3.61 -14.79
C GLY B 167 13.53 3.94 -15.96
N CYS B 168 14.84 3.97 -15.69
CA CYS B 168 15.83 4.35 -16.68
C CYS B 168 17.17 3.78 -16.24
N LYS B 169 17.81 3.00 -17.12
CA LYS B 169 19.05 2.32 -16.77
C LYS B 169 20.24 3.28 -16.66
N ASP B 170 20.38 4.21 -17.60
CA ASP B 170 21.53 5.12 -17.59
C ASP B 170 21.31 6.27 -16.60
N PRO B 171 22.24 6.50 -15.66
CA PRO B 171 22.02 7.57 -14.68
C PRO B 171 21.86 8.96 -15.27
N ALA B 172 22.65 9.32 -16.27
CA ALA B 172 22.61 10.68 -16.79
C ALA B 172 21.33 10.93 -17.57
N GLN B 173 20.85 9.92 -18.29
CA GLN B 173 19.61 10.07 -18.99
C GLN B 173 18.46 10.12 -17.99
N GLY B 174 18.58 9.43 -16.87
CA GLY B 174 17.53 9.48 -15.88
C GLY B 174 17.38 10.85 -15.28
N GLN B 175 18.50 11.44 -14.89
CA GLN B 175 18.58 12.77 -14.30
C GLN B 175 17.99 13.80 -15.25
N LEU B 176 18.12 13.56 -16.56
CA LEU B 176 17.67 14.51 -17.56
C LEU B 176 16.18 14.44 -17.74
N LEU B 177 15.63 13.20 -17.74
CA LEU B 177 14.19 13.00 -17.80
C LEU B 177 13.50 13.55 -16.54
N LYS B 178 14.13 13.40 -15.38
CA LYS B 178 13.61 14.03 -14.17
C LYS B 178 13.54 15.54 -14.35
N GLU B 179 14.65 16.16 -14.75
CA GLU B 179 14.66 17.61 -14.94
C GLU B 179 13.53 18.01 -15.86
N LEU B 180 13.28 17.22 -16.91
CA LEU B 180 12.34 17.61 -17.95
C LEU B 180 10.89 17.55 -17.49
N MET B 181 10.59 16.65 -16.53
CA MET B 181 9.21 16.38 -16.15
C MET B 181 8.87 16.77 -14.72
N GLN B 182 9.85 17.08 -13.89
CA GLN B 182 9.53 17.37 -12.51
C GLN B 182 9.09 18.82 -12.31
N THR B 183 8.04 18.98 -11.47
CA THR B 183 7.47 20.25 -10.99
C THR B 183 7.15 20.14 -9.50
N PRO B 184 6.81 21.23 -8.82
CA PRO B 184 6.44 21.08 -7.40
C PRO B 184 5.25 20.15 -7.18
N ASN B 185 4.36 19.98 -8.16
CA ASN B 185 3.19 19.13 -7.96
C ASN B 185 3.25 17.80 -8.69
N PHE B 186 4.34 17.51 -9.40
CA PHE B 186 4.52 16.27 -10.17
C PHE B 186 5.92 15.79 -9.80
N ARG B 187 6.01 14.99 -8.72
CA ARG B 187 7.29 14.65 -8.11
C ARG B 187 7.77 13.33 -8.67
N ILE B 188 9.07 13.24 -8.94
CA ILE B 188 9.65 12.13 -9.68
C ILE B 188 10.68 11.43 -8.82
N THR B 189 10.62 10.11 -8.77
CA THR B 189 11.72 9.28 -8.30
C THR B 189 12.24 8.47 -9.49
N VAL B 190 13.56 8.52 -9.71
CA VAL B 190 14.20 7.74 -10.76
C VAL B 190 14.75 6.47 -10.15
N VAL B 191 14.42 5.33 -10.75
CA VAL B 191 15.07 4.07 -10.45
C VAL B 191 15.54 3.40 -11.74
N GLN B 192 16.42 2.42 -11.58
CA GLN B 192 17.12 1.82 -12.72
C GLN B 192 16.44 0.59 -13.28
N GLU B 193 15.32 0.15 -12.71
CA GLU B 193 14.62 -1.06 -13.12
C GLU B 193 13.47 -0.73 -14.06
N VAL B 194 13.76 -0.70 -15.36
CA VAL B 194 12.75 -0.39 -16.36
C VAL B 194 11.65 -1.44 -16.37
N ASP B 195 12.03 -2.72 -16.49
CA ASP B 195 11.05 -3.79 -16.59
C ASP B 195 10.13 -3.79 -15.37
N THR B 196 10.71 -3.61 -14.17
CA THR B 196 9.91 -3.68 -12.95
C THR B 196 8.91 -2.53 -12.87
N VAL B 197 9.38 -1.31 -13.11
CA VAL B 197 8.48 -0.18 -13.14
C VAL B 197 7.32 -0.47 -14.07
N GLU B 198 7.61 -1.07 -15.22
CA GLU B 198 6.64 -1.15 -16.30
C GLU B 198 5.63 -2.26 -16.09
N ILE B 199 6.08 -3.39 -15.53
CA ILE B 199 5.19 -4.53 -15.44
C ILE B 199 4.11 -4.26 -14.42
N CYS B 200 4.41 -3.45 -13.38
CA CYS B 200 3.42 -3.14 -12.36
C CYS B 200 2.11 -2.72 -12.97
N GLY B 201 2.17 -1.94 -14.06
CA GLY B 201 0.97 -1.34 -14.60
C GLY B 201 -0.04 -2.35 -15.06
N ALA B 202 0.42 -3.48 -15.57
CA ALA B 202 -0.54 -4.51 -15.99
C ALA B 202 -0.95 -5.40 -14.82
N LEU B 203 -0.02 -5.71 -13.93
CA LEU B 203 -0.36 -6.66 -12.88
C LEU B 203 -1.34 -6.06 -11.91
N LYS B 204 -1.18 -4.77 -11.60
CA LYS B 204 -2.02 -4.12 -10.59
C LYS B 204 -3.49 -4.29 -10.91
N ASN B 205 -3.85 -4.34 -12.19
CA ASN B 205 -5.27 -4.46 -12.55
C ASN B 205 -5.84 -5.85 -12.27
N VAL B 206 -5.00 -6.88 -12.26
CA VAL B 206 -5.49 -8.18 -11.82
C VAL B 206 -5.84 -8.13 -10.34
N VAL B 207 -4.95 -7.57 -9.54
CA VAL B 207 -5.22 -7.43 -8.11
C VAL B 207 -6.48 -6.63 -7.88
N ALA B 208 -6.72 -5.57 -8.68
CA ALA B 208 -7.88 -4.73 -8.37
C ALA B 208 -9.19 -5.45 -8.65
N VAL B 209 -9.20 -6.40 -9.59
CA VAL B 209 -10.39 -7.21 -9.78
C VAL B 209 -10.65 -8.05 -8.52
N GLY B 210 -9.60 -8.70 -8.00
CA GLY B 210 -9.77 -9.41 -6.73
C GLY B 210 -10.23 -8.49 -5.62
N ALA B 211 -9.64 -7.29 -5.54
CA ALA B 211 -10.07 -6.30 -4.55
C ALA B 211 -11.55 -6.01 -4.69
N GLY B 212 -12.02 -5.86 -5.92
CA GLY B 212 -13.44 -5.62 -6.11
C GLY B 212 -14.28 -6.83 -5.74
N PHE B 213 -13.80 -8.04 -6.05
CA PHE B 213 -14.50 -9.23 -5.61
C PHE B 213 -14.69 -9.21 -4.10
N CYS B 214 -13.63 -8.84 -3.38
CA CYS B 214 -13.70 -8.70 -1.92
C CYS B 214 -14.82 -7.74 -1.49
N ASP B 215 -14.86 -6.55 -2.09
CA ASP B 215 -15.93 -5.58 -1.80
C ASP B 215 -17.31 -6.21 -2.04
N GLY B 216 -17.49 -6.80 -3.23
CA GLY B 216 -18.79 -7.30 -3.60
C GLY B 216 -19.27 -8.46 -2.77
N LEU B 217 -18.33 -9.23 -2.20
CA LEU B 217 -18.70 -10.32 -1.29
C LEU B 217 -19.03 -9.82 0.11
N GLY B 218 -18.85 -8.52 0.39
CA GLY B 218 -19.26 -7.98 1.66
C GLY B 218 -18.21 -7.97 2.74
N PHE B 219 -16.95 -8.26 2.40
CA PHE B 219 -15.88 -8.24 3.39
C PHE B 219 -15.42 -6.82 3.69
N GLY B 220 -14.69 -6.68 4.80
CA GLY B 220 -14.25 -5.40 5.28
C GLY B 220 -12.84 -5.04 4.84
N ASP B 221 -12.35 -3.93 5.39
CA ASP B 221 -11.06 -3.36 5.00
C ASP B 221 -9.90 -4.25 5.39
N ASN B 222 -10.00 -5.00 6.49
CA ASN B 222 -8.86 -5.82 6.86
C ASN B 222 -8.72 -6.99 5.90
N THR B 223 -9.83 -7.55 5.45
CA THR B 223 -9.77 -8.59 4.43
C THR B 223 -9.25 -8.01 3.12
N LYS B 224 -9.77 -6.84 2.74
CA LYS B 224 -9.36 -6.22 1.49
C LYS B 224 -7.88 -5.89 1.51
N ALA B 225 -7.38 -5.43 2.67
CA ALA B 225 -5.95 -5.17 2.83
C ALA B 225 -5.12 -6.43 2.62
N ALA B 226 -5.61 -7.57 3.12
CA ALA B 226 -4.93 -8.83 2.89
C ALA B 226 -4.90 -9.20 1.41
N VAL B 227 -6.05 -9.05 0.73
CA VAL B 227 -6.11 -9.35 -0.71
C VAL B 227 -5.10 -8.51 -1.49
N ILE B 228 -5.03 -7.21 -1.19
CA ILE B 228 -4.12 -6.32 -1.90
C ILE B 228 -2.67 -6.70 -1.63
N ARG B 229 -2.32 -6.93 -0.36
CA ARG B 229 -0.95 -7.28 -0.01
C ARG B 229 -0.51 -8.57 -0.68
N LEU B 230 -1.35 -9.63 -0.59
CA LEU B 230 -1.03 -10.86 -1.29
C LEU B 230 -0.92 -10.63 -2.78
N GLY B 231 -1.80 -9.81 -3.34
CA GLY B 231 -1.65 -9.41 -4.72
C GLY B 231 -0.29 -8.81 -4.98
N LEU B 232 0.15 -7.94 -4.08
CA LEU B 232 1.45 -7.30 -4.29
C LEU B 232 2.57 -8.32 -4.29
N MET B 233 2.55 -9.22 -3.32
CA MET B 233 3.54 -10.28 -3.26
C MET B 233 3.51 -11.11 -4.54
N GLU B 234 2.33 -11.43 -5.03
CA GLU B 234 2.25 -12.15 -6.29
C GLU B 234 2.80 -11.31 -7.44
N MET B 235 2.63 -9.98 -7.38
CA MET B 235 3.21 -9.12 -8.43
C MET B 235 4.72 -9.17 -8.40
N ILE B 236 5.31 -9.08 -7.20
CA ILE B 236 6.76 -9.14 -7.05
C ILE B 236 7.30 -10.49 -7.53
N ALA B 237 6.74 -11.59 -7.01
CA ALA B 237 7.21 -12.91 -7.39
C ALA B 237 7.05 -13.13 -8.89
N PHE B 238 5.91 -12.72 -9.45
CA PHE B 238 5.75 -12.93 -10.89
C PHE B 238 6.77 -12.12 -11.69
N ALA B 239 7.05 -10.89 -11.27
CA ALA B 239 8.02 -10.06 -11.98
C ALA B 239 9.43 -10.63 -11.86
N LYS B 240 9.74 -11.29 -10.75
CA LYS B 240 11.08 -11.84 -10.62
C LYS B 240 11.24 -13.07 -11.52
N LEU B 241 10.15 -13.75 -11.81
CA LEU B 241 10.16 -14.98 -12.61
C LEU B 241 10.02 -14.68 -14.10
N PHE B 242 9.51 -13.52 -14.50
CA PHE B 242 9.18 -13.24 -15.88
C PHE B 242 10.08 -12.21 -16.54
N CYS B 243 10.56 -11.22 -15.79
CA CYS B 243 11.24 -10.08 -16.39
C CYS B 243 12.72 -10.37 -16.61
N SER B 244 13.23 -9.92 -17.76
CA SER B 244 14.66 -10.04 -18.07
C SER B 244 15.49 -9.18 -17.14
N GLY B 245 15.19 -7.87 -17.09
CA GLY B 245 15.93 -6.94 -16.27
C GLY B 245 16.06 -7.44 -14.85
N PRO B 246 16.91 -6.78 -14.05
CA PRO B 246 16.96 -7.06 -12.60
C PRO B 246 15.71 -6.56 -11.86
N VAL B 247 15.35 -7.27 -10.78
CA VAL B 247 14.07 -7.04 -10.11
C VAL B 247 14.21 -7.13 -8.59
N SER B 248 13.93 -6.02 -7.90
CA SER B 248 14.07 -5.88 -6.46
C SER B 248 12.71 -5.64 -5.80
N SER B 249 12.50 -6.25 -4.64
CA SER B 249 11.27 -6.02 -3.89
C SER B 249 11.08 -4.55 -3.56
N ALA B 250 12.19 -3.82 -3.36
CA ALA B 250 12.12 -2.43 -2.91
C ALA B 250 11.61 -1.50 -4.00
N THR B 251 11.67 -1.92 -5.26
CA THR B 251 11.14 -1.11 -6.34
C THR B 251 9.63 -1.02 -6.28
N PHE B 252 8.97 -2.01 -5.68
CA PHE B 252 7.52 -2.02 -5.60
C PHE B 252 7.01 -1.06 -4.53
N LEU B 253 7.89 -0.47 -3.73
CA LEU B 253 7.52 0.62 -2.82
C LEU B 253 7.45 1.96 -3.54
N GLU B 254 7.82 2.02 -4.82
CA GLU B 254 7.74 3.27 -5.54
C GLU B 254 6.29 3.51 -5.95
N SER B 255 6.04 4.71 -6.48
CA SER B 255 4.69 5.08 -6.88
C SER B 255 4.11 4.07 -7.84
N CYS B 256 4.97 3.53 -8.72
CA CYS B 256 4.53 2.59 -9.75
C CYS B 256 4.03 1.29 -9.16
N GLY B 257 4.39 0.98 -7.92
CA GLY B 257 4.00 -0.25 -7.26
C GLY B 257 2.87 0.01 -6.30
N VAL B 258 3.25 0.27 -5.05
CA VAL B 258 2.26 0.31 -3.99
C VAL B 258 1.25 1.43 -4.21
N ALA B 259 1.68 2.59 -4.69
CA ALA B 259 0.72 3.71 -4.79
C ALA B 259 -0.29 3.45 -5.88
N ASP B 260 0.18 3.07 -7.07
CA ASP B 260 -0.74 2.77 -8.16
C ASP B 260 -1.63 1.58 -7.81
N LEU B 261 -1.07 0.59 -7.10
CA LEU B 261 -1.90 -0.52 -6.66
C LEU B 261 -3.04 -0.03 -5.78
N ILE B 262 -2.73 0.80 -4.77
CA ILE B 262 -3.77 1.16 -3.82
C ILE B 262 -4.73 2.14 -4.44
N THR B 263 -4.25 3.07 -5.25
CA THR B 263 -5.26 3.95 -5.83
C THR B 263 -6.20 3.17 -6.75
N THR B 264 -5.69 2.10 -7.37
CA THR B 264 -6.55 1.34 -8.27
C THR B 264 -7.49 0.45 -7.50
N CYS B 265 -7.02 -0.22 -6.45
CA CYS B 265 -7.86 -1.15 -5.73
C CYS B 265 -8.93 -0.45 -4.92
N TYR B 266 -8.76 0.85 -4.64
CA TYR B 266 -9.76 1.56 -3.86
C TYR B 266 -10.65 2.45 -4.73
N GLY B 267 -10.21 2.89 -5.90
CA GLY B 267 -11.06 3.76 -6.71
C GLY B 267 -11.02 3.49 -8.18
N GLY B 268 -10.66 2.29 -8.56
CA GLY B 268 -10.52 1.97 -9.97
C GLY B 268 -11.82 1.48 -10.58
N ARG B 269 -11.86 1.58 -11.91
CA ARG B 269 -13.00 1.09 -12.66
C ARG B 269 -13.06 -0.44 -12.66
N ASN B 270 -11.91 -1.10 -12.83
N ASN B 270 -11.91 -1.10 -12.83
CA ASN B 270 -11.85 -2.56 -12.68
CA ASN B 270 -11.83 -2.55 -12.67
C ASN B 270 -12.48 -3.00 -11.35
C ASN B 270 -12.46 -3.00 -11.35
N ARG B 271 -12.21 -2.26 -10.27
CA ARG B 271 -12.78 -2.62 -8.98
C ARG B 271 -14.30 -2.47 -8.98
N LYS B 272 -14.82 -1.38 -9.57
CA LYS B 272 -16.26 -1.13 -9.52
C LYS B 272 -17.00 -2.24 -10.22
N VAL B 273 -16.51 -2.65 -11.39
CA VAL B 273 -17.15 -3.68 -12.17
C VAL B 273 -17.08 -5.00 -11.44
N ALA B 274 -15.88 -5.35 -10.97
CA ALA B 274 -15.69 -6.55 -10.16
C ALA B 274 -16.68 -6.60 -9.01
N GLU B 275 -16.87 -5.47 -8.29
CA GLU B 275 -17.78 -5.47 -7.14
C GLU B 275 -19.20 -5.78 -7.61
N ALA B 276 -19.66 -5.00 -8.57
CA ALA B 276 -20.99 -5.20 -9.13
C ALA B 276 -21.16 -6.64 -9.61
N PHE B 277 -20.14 -7.21 -10.24
CA PHE B 277 -20.24 -8.59 -10.71
C PHE B 277 -20.50 -9.56 -9.57
N ALA B 278 -19.87 -9.33 -8.42
CA ALA B 278 -20.01 -10.25 -7.31
C ALA B 278 -21.33 -10.05 -6.59
N ARG B 279 -21.81 -8.82 -6.55
CA ARG B 279 -23.07 -8.59 -5.86
C ARG B 279 -24.28 -8.99 -6.71
N THR B 280 -24.17 -8.96 -8.04
CA THR B 280 -25.36 -9.04 -8.88
C THR B 280 -25.50 -10.32 -9.67
N GLY B 281 -24.39 -10.97 -10.03
CA GLY B 281 -24.42 -12.09 -10.93
C GLY B 281 -24.37 -11.72 -12.41
N LYS B 282 -24.43 -10.44 -12.74
CA LYS B 282 -24.31 -10.06 -14.14
C LYS B 282 -22.87 -10.20 -14.60
N SER B 283 -22.71 -10.53 -15.88
CA SER B 283 -21.40 -10.87 -16.41
C SER B 283 -20.51 -9.64 -16.46
N ILE B 284 -19.23 -9.88 -16.67
CA ILE B 284 -18.28 -8.78 -16.85
C ILE B 284 -18.67 -7.96 -18.06
N GLU B 285 -19.03 -8.63 -19.16
CA GLU B 285 -19.41 -7.94 -20.40
C GLU B 285 -20.53 -6.93 -20.16
N GLN B 286 -21.61 -7.37 -19.54
CA GLN B 286 -22.77 -6.50 -19.35
C GLN B 286 -22.43 -5.29 -18.52
N LEU B 287 -21.60 -5.48 -17.48
CA LEU B 287 -21.31 -4.39 -16.58
C LEU B 287 -20.39 -3.35 -17.24
N GLU B 288 -19.50 -3.78 -18.15
CA GLU B 288 -18.65 -2.83 -18.87
C GLU B 288 -19.50 -1.83 -19.65
N LYS B 289 -20.52 -2.34 -20.35
CA LYS B 289 -21.43 -1.51 -21.13
C LYS B 289 -22.27 -0.59 -20.25
N GLU B 290 -22.92 -1.16 -19.23
CA GLU B 290 -23.79 -0.38 -18.36
C GLU B 290 -23.00 0.67 -17.60
N LEU B 291 -21.73 0.39 -17.30
CA LEU B 291 -20.91 1.30 -16.52
C LEU B 291 -19.73 1.72 -17.40
N ASN B 293 -18.16 2.96 -20.44
CA ASN B 293 -19.06 3.14 -21.59
C ASN B 293 -19.23 1.83 -22.35
N GLY B 294 -18.25 0.96 -22.24
CA GLY B 294 -18.18 -0.23 -23.05
C GLY B 294 -16.74 -0.66 -23.24
N GLN B 295 -15.82 0.22 -22.83
CA GLN B 295 -14.39 -0.09 -22.82
C GLN B 295 -14.14 -1.30 -21.92
N LYS B 296 -13.50 -2.32 -22.49
CA LYS B 296 -13.25 -3.59 -21.83
C LYS B 296 -12.28 -3.45 -20.64
N LEU B 297 -12.34 -4.43 -19.74
CA LEU B 297 -11.52 -4.44 -18.54
C LEU B 297 -10.14 -5.02 -18.79
N GLN B 298 -9.13 -4.36 -18.22
N GLN B 298 -9.11 -4.37 -18.24
CA GLN B 298 -7.73 -4.75 -18.41
CA GLN B 298 -7.75 -4.84 -18.50
C GLN B 298 -7.37 -5.97 -17.59
C GLN B 298 -7.37 -6.02 -17.60
N GLY B 299 -7.79 -5.99 -16.33
CA GLY B 299 -7.46 -7.04 -15.38
C GLY B 299 -7.74 -8.46 -15.86
N PRO B 300 -8.98 -8.73 -16.26
CA PRO B 300 -9.33 -10.11 -16.64
C PRO B 300 -8.48 -10.66 -17.77
N GLU B 301 -8.29 -9.89 -18.86
CA GLU B 301 -7.50 -10.38 -19.99
C GLU B 301 -6.04 -10.60 -19.59
N THR B 302 -5.49 -9.70 -18.76
CA THR B 302 -4.14 -9.92 -18.25
C THR B 302 -4.05 -11.22 -17.44
N ALA B 303 -5.07 -11.51 -16.63
CA ALA B 303 -5.08 -12.74 -15.85
C ALA B 303 -5.06 -13.97 -16.76
N ARG B 304 -5.90 -13.96 -17.79
CA ARG B 304 -5.84 -15.03 -18.78
C ARG B 304 -4.42 -15.18 -19.31
N GLU B 305 -3.81 -14.08 -19.73
CA GLU B 305 -2.44 -14.15 -20.21
C GLU B 305 -1.50 -14.68 -19.15
N LEU B 306 -1.71 -14.31 -17.89
CA LEU B 306 -0.87 -14.84 -16.83
C LEU B 306 -1.08 -16.35 -16.69
N TYR B 307 -2.32 -16.81 -16.78
CA TYR B 307 -2.58 -18.24 -16.70
C TYR B 307 -1.84 -19.01 -17.78
N SER B 308 -1.85 -18.51 -19.03
CA SER B 308 -1.13 -19.19 -20.10
C SER B 308 0.35 -19.29 -19.77
N ILE B 309 0.96 -18.18 -19.36
CA ILE B 309 2.38 -18.22 -19.01
C ILE B 309 2.62 -19.21 -17.88
N LEU B 310 1.83 -19.12 -16.81
CA LEU B 310 2.05 -19.97 -15.63
C LEU B 310 1.69 -21.41 -15.94
N GLN B 311 0.62 -21.64 -16.69
CA GLN B 311 0.22 -23.01 -16.96
C GLN B 311 1.26 -23.71 -17.82
N HIS B 312 1.94 -22.96 -18.69
CA HIS B 312 2.96 -23.54 -19.55
C HIS B 312 4.25 -23.83 -18.79
N LYS B 313 4.40 -23.31 -17.57
CA LYS B 313 5.54 -23.68 -16.73
C LYS B 313 5.09 -24.34 -15.42
N GLY B 314 3.84 -24.81 -15.38
CA GLY B 314 3.34 -25.61 -14.27
C GLY B 314 3.24 -24.90 -12.93
N LEU B 315 3.23 -23.57 -12.93
CA LEU B 315 3.26 -22.77 -11.70
C LEU B 315 1.92 -22.16 -11.37
N VAL B 316 0.85 -22.59 -12.03
CA VAL B 316 -0.47 -22.08 -11.66
C VAL B 316 -0.68 -22.18 -10.14
N ASP B 317 -0.04 -23.15 -9.49
CA ASP B 317 -0.28 -23.35 -8.07
C ASP B 317 0.39 -22.27 -7.24
N LYS B 318 1.45 -21.66 -7.76
CA LYS B 318 2.20 -20.70 -6.99
C LYS B 318 1.51 -19.32 -6.90
N PHE B 319 0.38 -19.11 -7.58
CA PHE B 319 -0.20 -17.76 -7.77
C PHE B 319 -1.71 -17.83 -7.62
N PRO B 320 -2.20 -18.16 -6.41
CA PRO B 320 -3.64 -18.41 -6.27
C PRO B 320 -4.50 -17.19 -6.47
N LEU B 321 -3.99 -16.00 -6.14
CA LEU B 321 -4.80 -14.80 -6.36
C LEU B 321 -4.97 -14.54 -7.85
N PHE B 322 -3.87 -14.35 -8.55
CA PHE B 322 -3.91 -14.17 -10.00
C PHE B 322 -4.75 -15.27 -10.66
N MET B 323 -4.48 -16.53 -10.29
CA MET B 323 -5.23 -17.64 -10.90
C MET B 323 -6.69 -17.66 -10.47
N ALA B 324 -7.00 -17.29 -9.22
CA ALA B 324 -8.41 -17.24 -8.86
C ALA B 324 -9.14 -16.17 -9.67
N VAL B 325 -8.46 -15.08 -10.01
CA VAL B 325 -9.09 -14.05 -10.83
C VAL B 325 -9.41 -14.63 -12.20
N TYR B 326 -8.43 -15.28 -12.82
CA TYR B 326 -8.65 -15.94 -14.10
C TYR B 326 -9.87 -16.89 -14.07
N LYS B 327 -9.91 -17.80 -13.08
CA LYS B 327 -10.92 -18.85 -13.09
C LYS B 327 -12.32 -18.32 -12.86
N VAL B 328 -12.47 -17.27 -12.06
CA VAL B 328 -13.78 -16.68 -11.89
C VAL B 328 -14.20 -15.96 -13.17
N CYS B 329 -13.25 -15.33 -13.86
CA CYS B 329 -13.61 -14.52 -15.03
C CYS B 329 -13.87 -15.37 -16.28
N TYR B 330 -13.19 -16.53 -16.37
CA TYR B 330 -13.17 -17.32 -17.59
C TYR B 330 -13.62 -18.78 -17.44
N GLU B 331 -13.54 -19.40 -16.27
CA GLU B 331 -13.81 -20.84 -16.16
C GLU B 331 -14.98 -21.13 -15.24
N GLY B 332 -15.83 -20.14 -15.00
CA GLY B 332 -17.03 -20.35 -14.22
C GLY B 332 -16.84 -20.63 -12.74
N GLN B 333 -15.63 -20.53 -12.19
CA GLN B 333 -15.43 -20.73 -10.74
C GLN B 333 -16.31 -19.72 -10.01
N PRO B 334 -17.14 -20.12 -9.03
CA PRO B 334 -18.03 -19.17 -8.34
C PRO B 334 -17.23 -18.09 -7.64
N VAL B 335 -17.64 -16.85 -7.84
CA VAL B 335 -16.84 -15.79 -7.25
C VAL B 335 -16.77 -15.95 -5.73
N GLY B 336 -17.74 -16.65 -5.12
CA GLY B 336 -17.77 -16.82 -3.66
C GLY B 336 -16.64 -17.68 -3.09
N GLU B 337 -15.89 -18.36 -3.96
CA GLU B 337 -14.73 -19.16 -3.59
C GLU B 337 -13.43 -18.36 -3.53
N PHE B 338 -13.45 -17.11 -4.01
CA PHE B 338 -12.23 -16.33 -4.15
C PHE B 338 -11.42 -16.29 -2.84
N ILE B 339 -12.08 -16.00 -1.72
CA ILE B 339 -11.37 -15.96 -0.44
C ILE B 339 -10.82 -17.33 -0.09
N HIS B 340 -11.61 -18.40 -0.25
CA HIS B 340 -11.10 -19.75 0.00
C HIS B 340 -9.77 -19.97 -0.71
N CYS B 341 -9.62 -19.43 -1.91
CA CYS B 341 -8.39 -19.60 -2.69
C CYS B 341 -7.17 -18.97 -2.05
N LEU B 342 -7.35 -18.11 -1.04
CA LEU B 342 -6.25 -17.46 -0.35
C LEU B 342 -5.94 -18.07 1.03
N GLN B 343 -6.70 -19.08 1.45
CA GLN B 343 -6.55 -19.67 2.77
C GLN B 343 -5.36 -20.62 2.87
N ASN B 344 -4.65 -20.90 1.79
CA ASN B 344 -3.46 -21.74 1.84
C ASN B 344 -2.40 -21.16 0.92
N HIS B 345 -2.18 -19.84 1.06
CA HIS B 345 -1.33 -19.11 0.15
C HIS B 345 0.14 -19.42 0.37
N PRO B 346 0.95 -19.38 -0.68
CA PRO B 346 2.40 -19.60 -0.48
C PRO B 346 3.06 -18.67 0.52
N GLU B 347 2.64 -17.40 0.63
CA GLU B 347 3.27 -16.49 1.60
C GLU B 347 3.21 -17.00 3.03
N HIS B 348 2.24 -17.85 3.35
CA HIS B 348 1.98 -18.29 4.71
C HIS B 348 2.46 -19.71 4.96
N MET B 349 3.14 -20.32 3.98
CA MET B 349 3.74 -21.66 4.11
C MET B 349 5.06 -21.60 4.84
PA NAD C . -9.67 -3.65 26.09
O1A NAD C . -9.90 -2.24 26.50
O2A NAD C . -10.90 -4.35 25.56
O5B NAD C . -9.00 -4.55 27.26
C5B NAD C . -9.72 -4.80 28.42
C4B NAD C . -8.65 -5.37 29.38
O4B NAD C . -7.95 -4.37 29.79
C3B NAD C . -9.29 -5.98 30.64
O3B NAD C . -9.74 -7.24 30.39
C2B NAD C . -8.06 -5.92 31.54
O2B NAD C . -7.13 -7.07 31.14
C1B NAD C . -7.46 -4.81 31.28
N9A NAD C . -7.87 -3.82 32.26
C8A NAD C . -8.94 -3.03 32.21
N7A NAD C . -8.95 -2.29 33.33
C5A NAD C . -7.87 -2.63 34.05
C6A NAD C . -7.41 -2.18 35.25
N6A NAD C . -7.98 -1.17 36.13
N1A NAD C . -6.29 -2.70 35.77
C2A NAD C . -5.60 -3.66 35.12
N3A NAD C . -6.06 -4.11 33.94
C4A NAD C . -7.19 -3.58 33.40
O3 NAD C . -8.48 -3.49 25.02
PN NAD C . -8.19 -4.45 23.72
O1N NAD C . -9.13 -4.02 22.59
O2N NAD C . -8.34 -5.92 24.01
O5D NAD C . -6.69 -4.04 23.28
C5D NAD C . -5.58 -4.57 23.97
C4D NAD C . -4.34 -4.35 23.09
O4D NAD C . -4.49 -5.06 21.97
C3D NAD C . -4.23 -2.85 22.67
O3D NAD C . -2.96 -2.41 22.54
C2D NAD C . -4.86 -2.85 21.27
O2D NAD C . -4.30 -1.69 20.50
C1D NAD C . -4.48 -4.01 20.74
N1N NAD C . -5.28 -4.47 19.65
C2N NAD C . -6.67 -4.48 19.68
C3N NAD C . -7.41 -4.96 18.58
C7N NAD C . -8.93 -4.99 18.63
O7N NAD C . -9.58 -5.33 17.70
N7N NAD C . -9.66 -4.63 19.88
C4N NAD C . -6.75 -5.41 17.44
C5N NAD C . -5.36 -5.40 17.39
C6N NAD C . -4.63 -4.92 18.52
H51A NAD C . -10.42 -5.44 28.25
H52A NAD C . -10.09 -3.97 28.77
H4B NAD C . -8.09 -6.02 28.93
H3B NAD C . -10.00 -5.41 30.97
HO3A NAD C . -9.98 -7.31 29.57
H2B NAD C . -8.31 -5.98 32.47
HO2A NAD C . -6.46 -7.09 31.66
H1B NAD C . -6.50 -4.93 31.30
H8A NAD C . -9.58 -3.00 31.53
H61A NAD C . -8.71 -0.77 35.91
H62A NAD C . -7.58 -0.96 36.86
H2A NAD C . -4.86 -3.87 35.66
H51N NAD C . -5.46 -4.11 24.82
H52N NAD C . -5.70 -5.52 24.12
H4D NAD C . -3.53 -4.62 23.54
H3D NAD C . -4.73 -2.29 23.27
HO3N NAD C . -2.44 -2.85 23.05
H2D NAD C . -5.83 -2.80 21.33
HO2N NAD C . -3.46 -1.64 20.62
H1D NAD C . -3.56 -3.91 20.44
H2N NAD C . -7.12 -4.19 20.45
H71N NAD C . -10.52 -4.66 19.90
H72N NAD C . -9.22 -4.39 20.57
H4N NAD C . -7.23 -5.72 16.72
H5N NAD C . -4.92 -5.71 16.63
H6N NAD C . -3.71 -4.91 18.49
P PO4 D . 14.57 0.49 20.54
O1 PO4 D . 14.08 -0.22 19.27
O2 PO4 D . 15.52 -0.43 21.28
O3 PO4 D . 13.43 0.89 21.51
O4 PO4 D . 15.41 1.69 20.07
C1 EDO E . 13.45 9.72 4.78
O1 EDO E . 13.81 11.05 4.74
C2 EDO E . 12.35 9.45 3.76
O2 EDO E . 12.87 9.50 2.46
H11 EDO E . 14.23 9.17 4.58
H12 EDO E . 13.13 9.50 5.67
HO1 EDO E . 14.48 11.18 5.26
H21 EDO E . 11.98 8.57 3.92
H22 EDO E . 11.66 10.12 3.85
HO2 EDO E . 12.64 10.22 2.09
C1 EDO F . 19.37 -1.66 9.58
O1 EDO F . 19.90 -2.84 10.13
C2 EDO F . 19.91 -0.41 10.28
O2 EDO F . 19.99 -0.62 11.67
H11 EDO F . 19.61 -1.63 8.64
H12 EDO F . 18.41 -1.67 9.65
HO1 EDO F . 19.97 -3.43 9.52
H21 EDO F . 20.80 -0.21 9.94
H22 EDO F . 19.32 0.34 10.09
HO2 EDO F . 19.25 -0.95 11.94
C1 EDO G . -5.89 -1.70 12.26
O1 EDO G . -4.94 -0.93 12.95
C2 EDO G . -5.65 -3.13 12.73
O2 EDO G . -5.67 -3.15 14.14
H11 EDO G . -5.73 -1.64 11.30
H12 EDO G . -6.78 -1.42 12.48
HO1 EDO G . -4.21 -0.93 12.52
H21 EDO G . -4.79 -3.43 12.42
H22 EDO G . -6.35 -3.70 12.39
HO2 EDO G . -5.87 -3.93 14.40
K K H . -3.93 -30.40 23.06
PA NAD I . -6.06 9.31 -25.97
O1A NAD I . -7.26 8.60 -26.52
O2A NAD I . -6.47 10.53 -25.19
O5B NAD I . -5.04 9.67 -27.21
C5B NAD I . -5.45 10.11 -28.48
C4B NAD I . -4.12 10.04 -29.31
O4B NAD I . -3.89 8.83 -29.69
C3B NAD I . -4.13 10.89 -30.60
O3B NAD I . -3.70 12.14 -30.31
C2B NAD I . -3.13 10.12 -31.49
O2B NAD I . -1.71 10.52 -31.10
C1B NAD I . -3.31 8.87 -31.21
N9A NAD I . -4.26 8.34 -32.14
C8A NAD I . -5.61 8.37 -32.06
N7A NAD I . -6.11 7.78 -33.16
C5A NAD I . -5.07 7.37 -33.91
C6A NAD I . -5.01 6.72 -35.13
N6A NAD I . -6.07 6.25 -36.01
N1A NAD I . -3.83 6.43 -35.68
C2A NAD I . -2.68 6.77 -35.03
N3A NAD I . -2.72 7.42 -33.83
C4A NAD I . -3.93 7.71 -33.28
O3 NAD I . -5.12 8.35 -25.03
PN NAD I . -4.45 8.83 -23.58
O1N NAD I . -5.50 9.06 -22.50
O2N NAD I . -3.61 10.04 -23.73
O5D NAD I . -3.51 7.60 -23.12
C5D NAD I . -2.40 7.30 -23.92
C4D NAD I . -1.45 6.47 -23.03
O4D NAD I . -1.19 7.13 -21.90
C3D NAD I . -2.16 5.14 -22.62
O3D NAD I . -1.30 4.13 -22.71
C2D NAD I . -2.60 5.38 -21.13
O2D NAD I . -2.80 4.10 -20.33
C1D NAD I . -1.64 6.17 -20.63
N1N NAD I . -2.05 6.93 -19.48
C2N NAD I . -3.13 7.82 -19.48
C3N NAD I . -3.48 8.56 -18.32
C7N NAD I . -4.65 9.54 -18.34
O7N NAD I . -4.97 10.15 -17.37
N7N NAD I . -5.37 9.76 -19.62
C4N NAD I . -2.77 8.37 -17.17
C5N NAD I . -1.70 7.51 -17.13
C6N NAD I . -1.35 6.77 -18.31
H51A NAD I . -5.79 11.02 -28.44
H52A NAD I . -6.13 9.51 -28.85
H4B NAD I . -3.38 10.35 -28.75
H3B NAD I . -5.02 10.89 -30.99
HO3A NAD I . -4.00 12.38 -29.55
H2B NAD I . -3.30 10.29 -32.42
HO2A NAD I . -1.72 11.23 -30.62
H1B NAD I . -2.48 8.38 -31.26
H8A NAD I . -6.10 8.75 -31.37
H61A NAD I . -5.88 5.78 -36.71
H62A NAD I . -6.90 6.43 -35.84
H2A NAD I . -1.99 6.47 -35.58
H51N NAD I . -2.67 6.77 -24.69
H52N NAD I . -1.96 8.12 -24.21
H4D NAD I . -0.62 6.27 -23.50
H3D NAD I . -2.93 4.99 -23.19
HO3N NAD I . -1.59 3.55 -23.25
H2D NAD I . -3.44 5.88 -21.14
HO2N NAD I . -2.72 4.28 -19.50
H1D NAD I . -0.88 5.61 -20.38
H2N NAD I . -3.61 7.96 -20.28
H71N NAD I . -6.02 10.31 -19.66
H72N NAD I . -5.12 9.33 -20.32
H4N NAD I . -3.00 8.85 -16.40
H5N NAD I . -1.21 7.39 -16.34
H6N NAD I . -0.63 6.18 -18.28
P PO4 J . 10.45 -9.30 -20.95
O1 PO4 J . 11.57 -9.17 -21.96
O2 PO4 J . 9.16 -8.82 -21.64
O3 PO4 J . 10.75 -8.43 -19.73
O4 PO4 J . 10.36 -10.76 -20.51
C1 EDO K . 3.64 -15.96 -4.94
O1 EDO K . 3.94 -17.32 -4.70
C2 EDO K . 4.24 -15.16 -3.77
O2 EDO K . 3.82 -15.74 -2.56
H11 EDO K . 4.05 -15.68 -5.77
H12 EDO K . 2.69 -15.84 -4.97
HO1 EDO K . 4.72 -17.49 -4.99
H21 EDO K . 5.20 -15.18 -3.81
H22 EDO K . 3.92 -14.24 -3.82
HO2 EDO K . 4.47 -15.78 -2.02
K K L . 15.92 26.20 -22.55
#